data_3OAY
#
_entry.id   3OAY
#
_cell.length_a   77.905
_cell.length_b   93.258
_cell.length_c   169.602
_cell.angle_alpha   90.000
_cell.angle_beta   90.000
_cell.angle_gamma   90.000
#
_symmetry.space_group_name_H-M   'P 21 21 21'
#
loop_
_entity.id
_entity.type
_entity.pdbx_description
1 polymer 'Fab 2G12, light chain'
2 polymer 'Fab 2G12, heavy chain'
3 non-polymer 'MALONATE ION'
4 non-polymer beta-D-fructopyranose
5 water water
#
loop_
_entity_poly.entity_id
_entity_poly.type
_entity_poly.pdbx_seq_one_letter_code
_entity_poly.pdbx_strand_id
1 'polypeptide(L)'
;AVVMTQSPSTLSASVGDTITITCRASQSIETWLAWYQQKPGKAPKLLIYKASTLKTGVPSRFSGSGSGTEFTLTISGLQF
DDFATYHCQHYAGYSATFGQGTRVEIKRTVAAPSVFIFPPSDEQLKSGTASVVCLLNNFYPREAKVQWKVDNALQSGNSQ
ESVTEQDSKDSTYSLSSTLTLSKADYEKHKVYACEVTHQGLSSPVTKSFNRGE
;
K,L
2 'polypeptide(L)'
;EVQLVESGGGLVKAGGSLILSCGVSNFRISAHTMNWVRRVPGGGLEWVASISTSSTYRDYADAVKGRFTVSRDDLEDFVY
LQMHKMRVEDTAIYYCARKGSDRLSDNDPFDAWGPGTVVTVSPASTKGPSVFPLAPSSKSTSGGTAALGCLVKDYFPEPV
TVSWNSGALTSGVHTFPAVLQSSGLYSLSSVVTVPSSSLGTQTYICNVNHKPSNTKVDKKVEPK
;
M,H
#
# COMPACT_ATOMS: atom_id res chain seq x y z
N ALA A 1 30.18 -6.20 19.19
CA ALA A 1 28.81 -6.66 19.56
C ALA A 1 28.81 -8.18 19.54
N VAL A 2 28.05 -8.81 20.43
CA VAL A 2 27.93 -10.27 20.38
C VAL A 2 27.38 -10.76 19.06
N VAL A 3 28.04 -11.74 18.45
CA VAL A 3 27.52 -12.46 17.29
C VAL A 3 27.25 -13.93 17.67
N MET A 4 26.07 -14.45 17.38
CA MET A 4 25.73 -15.87 17.64
C MET A 4 25.80 -16.69 16.36
N THR A 5 26.53 -17.80 16.39
CA THR A 5 26.69 -18.70 15.25
C THR A 5 26.06 -20.04 15.58
N GLN A 6 24.99 -20.39 14.87
CA GLN A 6 24.21 -21.57 15.10
C GLN A 6 24.57 -22.63 14.05
N SER A 7 24.78 -23.90 14.47
CA SER A 7 25.06 -25.04 13.59
CA SER A 7 25.02 -25.00 13.56
C SER A 7 24.21 -26.23 14.00
N PRO A 8 23.82 -27.08 13.04
CA PRO A 8 24.00 -26.89 11.58
C PRO A 8 22.87 -25.95 11.06
N SER A 9 22.87 -25.62 9.78
CA SER A 9 21.80 -24.80 9.21
CA SER A 9 21.80 -24.79 9.24
C SER A 9 20.53 -25.60 8.95
N THR A 10 20.71 -26.83 8.49
CA THR A 10 19.61 -27.80 8.32
C THR A 10 19.98 -29.11 9.02
N LEU A 11 19.03 -29.71 9.72
CA LEU A 11 19.33 -30.93 10.40
C LEU A 11 18.27 -31.93 9.96
N SER A 12 18.68 -32.99 9.25
CA SER A 12 17.73 -34.00 8.78
CA SER A 12 17.72 -34.00 8.80
C SER A 12 17.80 -35.22 9.69
N ALA A 13 16.64 -35.66 10.18
CA ALA A 13 16.63 -36.80 11.07
C ALA A 13 15.38 -37.63 10.91
N SER A 14 15.34 -38.79 11.58
CA SER A 14 14.10 -39.57 11.63
C SER A 14 13.39 -39.45 12.97
N VAL A 15 12.09 -39.73 13.01
CA VAL A 15 11.34 -39.82 14.26
CA VAL A 15 11.42 -39.73 14.31
C VAL A 15 12.02 -40.73 15.27
N GLY A 16 12.04 -40.33 16.53
CA GLY A 16 12.64 -41.15 17.54
C GLY A 16 14.12 -40.80 17.76
N ASP A 17 14.73 -40.03 16.87
CA ASP A 17 16.16 -39.77 17.03
C ASP A 17 16.41 -38.75 18.15
N THR A 18 17.60 -38.80 18.71
CA THR A 18 18.09 -37.73 19.58
C THR A 18 19.00 -36.85 18.78
N ILE A 19 18.75 -35.55 18.77
CA ILE A 19 19.52 -34.64 17.94
C ILE A 19 20.02 -33.48 18.77
N THR A 20 21.11 -32.87 18.31
CA THR A 20 21.64 -31.67 18.94
C THR A 20 21.86 -30.55 17.96
N ILE A 21 21.64 -29.34 18.46
CA ILE A 21 21.82 -28.12 17.71
C ILE A 21 22.69 -27.24 18.59
N THR A 22 23.66 -26.56 18.01
CA THR A 22 24.53 -25.77 18.85
CA THR A 22 24.56 -25.75 18.82
C THR A 22 24.55 -24.27 18.44
N CYS A 23 25.00 -23.43 19.36
CA CYS A 23 25.08 -21.99 19.16
C CYS A 23 26.35 -21.50 19.88
N ARG A 24 27.26 -20.83 19.16
CA ARG A 24 28.46 -20.31 19.79
C ARG A 24 28.37 -18.78 19.83
N ALA A 25 28.67 -18.18 20.99
CA ALA A 25 28.76 -16.70 21.13
C ALA A 25 30.18 -16.24 20.82
N SER A 26 30.29 -15.10 20.14
CA SER A 26 31.59 -14.52 19.81
C SER A 26 32.32 -14.04 21.07
N GLN A 27 31.58 -13.86 22.15
CA GLN A 27 32.20 -13.51 23.44
C GLN A 27 31.35 -14.06 24.59
N SER A 28 31.96 -14.22 25.76
CA SER A 28 31.25 -14.84 26.84
C SER A 28 29.89 -14.16 27.07
N ILE A 29 28.83 -14.94 27.27
CA ILE A 29 27.54 -14.36 27.59
C ILE A 29 26.89 -15.01 28.80
N GLU A 30 27.71 -15.58 29.67
CA GLU A 30 27.23 -16.32 30.84
C GLU A 30 26.20 -17.37 30.39
N THR A 31 25.00 -17.30 30.93
CA THR A 31 23.93 -18.21 30.48
C THR A 31 22.73 -17.42 29.97
N TRP A 32 23.00 -16.21 29.46
CA TRP A 32 21.91 -15.39 28.89
C TRP A 32 21.59 -15.81 27.47
N LEU A 33 20.96 -16.96 27.35
CA LEU A 33 20.69 -17.56 26.05
C LEU A 33 19.34 -18.26 26.09
N ALA A 34 18.56 -18.06 25.03
CA ALA A 34 17.21 -18.66 24.94
C ALA A 34 17.13 -19.44 23.63
N TRP A 35 16.27 -20.47 23.60
CA TRP A 35 15.96 -21.25 22.41
C TRP A 35 14.48 -21.14 22.12
N TYR A 36 14.13 -20.92 20.85
CA TYR A 36 12.72 -20.79 20.43
C TYR A 36 12.43 -21.82 19.34
N GLN A 37 11.20 -22.29 19.29
CA GLN A 37 10.74 -23.13 18.20
C GLN A 37 9.89 -22.25 17.27
N GLN A 38 9.99 -22.44 15.96
CA GLN A 38 9.11 -21.67 15.08
C GLN A 38 8.62 -22.53 13.93
N LYS A 39 7.33 -22.56 13.71
CA LYS A 39 6.77 -23.26 12.53
C LYS A 39 6.39 -22.24 11.50
N PRO A 40 6.28 -22.66 10.22
CA PRO A 40 6.07 -21.67 9.15
C PRO A 40 4.77 -20.89 9.32
N GLY A 41 4.87 -19.57 9.24
CA GLY A 41 3.69 -18.73 9.30
C GLY A 41 3.18 -18.57 10.72
N LYS A 42 3.93 -19.05 11.71
CA LYS A 42 3.49 -18.87 13.12
C LYS A 42 4.50 -18.02 13.88
N ALA A 43 4.12 -17.55 15.06
CA ALA A 43 5.06 -16.88 15.97
C ALA A 43 6.08 -17.85 16.56
N PRO A 44 7.31 -17.33 16.87
CA PRO A 44 8.26 -18.13 17.65
C PRO A 44 7.70 -18.46 19.05
N LYS A 45 8.10 -19.62 19.57
CA LYS A 45 7.68 -20.07 20.90
CA LYS A 45 7.66 -20.07 20.89
C LYS A 45 8.89 -20.25 21.74
N LEU A 46 8.89 -19.65 22.91
CA LEU A 46 10.06 -19.78 23.80
C LEU A 46 10.07 -21.20 24.40
N LEU A 47 11.21 -21.89 24.34
CA LEU A 47 11.28 -23.24 24.89
C LEU A 47 12.14 -23.26 26.14
N ILE A 48 13.33 -22.65 26.03
CA ILE A 48 14.34 -22.70 27.09
C ILE A 48 14.96 -21.33 27.21
N TYR A 49 15.20 -20.94 28.46
CA TYR A 49 15.88 -19.69 28.72
C TYR A 49 16.91 -19.87 29.85
N LYS A 50 17.75 -18.85 30.06
CA LYS A 50 18.89 -19.00 30.95
C LYS A 50 19.67 -20.28 30.66
N ALA A 51 19.80 -20.56 29.37
CA ALA A 51 20.54 -21.69 28.80
C ALA A 51 19.91 -23.05 29.02
N SER A 52 19.27 -23.25 30.17
CA SER A 52 18.88 -24.59 30.53
C SER A 52 17.54 -24.65 31.25
N THR A 53 16.90 -23.53 31.49
CA THR A 53 15.61 -23.70 32.17
C THR A 53 14.42 -23.82 31.21
N LEU A 54 13.66 -24.90 31.36
CA LEU A 54 12.48 -25.11 30.49
C LEU A 54 11.33 -24.22 30.93
N LYS A 55 10.65 -23.66 29.95
CA LYS A 55 9.44 -22.92 30.16
C LYS A 55 8.35 -23.91 30.55
N THR A 56 7.47 -23.51 31.45
CA THR A 56 6.38 -24.38 31.82
C THR A 56 5.59 -24.85 30.59
N GLY A 57 5.27 -26.14 30.55
CA GLY A 57 4.48 -26.71 29.46
C GLY A 57 5.35 -27.31 28.39
N VAL A 58 6.62 -26.93 28.38
CA VAL A 58 7.53 -27.49 27.39
C VAL A 58 7.85 -28.96 27.74
N PRO A 59 7.71 -29.88 26.76
CA PRO A 59 7.91 -31.32 27.00
C PRO A 59 9.34 -31.59 27.48
N SER A 60 9.51 -32.61 28.31
CA SER A 60 10.80 -32.86 28.92
C SER A 60 11.83 -33.40 27.94
N ARG A 61 11.43 -33.74 26.72
CA ARG A 61 12.42 -34.18 25.73
C ARG A 61 13.33 -33.07 25.22
N PHE A 62 12.93 -31.81 25.42
CA PHE A 62 13.80 -30.66 25.17
C PHE A 62 14.68 -30.31 26.36
N SER A 63 15.98 -30.10 26.14
CA SER A 63 16.85 -29.68 27.21
C SER A 63 17.97 -28.81 26.65
N GLY A 64 18.52 -27.91 27.48
CA GLY A 64 19.57 -26.99 27.03
C GLY A 64 20.75 -27.08 27.96
N SER A 65 21.94 -26.84 27.42
CA SER A 65 23.14 -26.86 28.27
C SER A 65 24.13 -25.84 27.72
N GLY A 66 25.15 -25.55 28.51
CA GLY A 66 26.25 -24.71 28.08
C GLY A 66 26.31 -23.45 28.92
N SER A 67 27.46 -22.79 28.90
CA SER A 67 27.56 -21.48 29.49
C SER A 67 28.83 -20.85 28.95
N GLY A 68 28.89 -19.53 28.97
CA GLY A 68 30.08 -18.84 28.46
C GLY A 68 29.85 -18.59 26.99
N THR A 69 30.44 -19.42 26.14
CA THR A 69 30.30 -19.22 24.69
C THR A 69 29.71 -20.38 23.92
N GLU A 70 29.57 -21.57 24.53
CA GLU A 70 29.06 -22.71 23.76
C GLU A 70 27.78 -23.27 24.38
N PHE A 71 26.74 -23.46 23.57
CA PHE A 71 25.37 -23.80 24.03
C PHE A 71 24.80 -24.88 23.11
N THR A 72 24.01 -25.79 23.68
CA THR A 72 23.44 -26.87 22.89
C THR A 72 22.00 -27.06 23.29
N LEU A 73 21.17 -27.25 22.27
CA LEU A 73 19.81 -27.72 22.45
C LEU A 73 19.77 -29.19 21.99
N THR A 74 19.22 -30.05 22.84
CA THR A 74 19.08 -31.47 22.57
C THR A 74 17.58 -31.82 22.57
N ILE A 75 17.12 -32.54 21.56
CA ILE A 75 15.77 -33.10 21.59
C ILE A 75 15.95 -34.62 21.62
N SER A 76 15.55 -35.21 22.73
CA SER A 76 15.75 -36.63 22.95
C SER A 76 14.54 -37.44 22.58
N GLY A 77 14.48 -37.91 21.34
CA GLY A 77 13.34 -38.72 20.87
C GLY A 77 12.43 -37.82 20.07
N LEU A 78 12.90 -37.41 18.90
CA LEU A 78 12.10 -36.52 18.03
C LEU A 78 10.69 -37.07 17.77
N GLN A 79 9.69 -36.20 17.87
CA GLN A 79 8.33 -36.53 17.44
C GLN A 79 7.96 -35.70 16.22
N PHE A 80 6.92 -36.13 15.50
CA PHE A 80 6.49 -35.40 14.30
C PHE A 80 6.23 -33.91 14.53
N ASP A 81 5.66 -33.54 15.68
CA ASP A 81 5.43 -32.14 16.06
C ASP A 81 6.71 -31.32 16.14
N ASP A 82 7.86 -31.99 16.26
CA ASP A 82 9.13 -31.27 16.50
C ASP A 82 9.84 -30.81 15.25
N PHE A 83 9.38 -31.24 14.09
CA PHE A 83 10.06 -30.80 12.86
C PHE A 83 9.66 -29.36 12.60
N ALA A 84 10.64 -28.46 12.59
CA ALA A 84 10.38 -27.02 12.74
C ALA A 84 11.72 -26.34 12.62
N THR A 85 11.72 -25.02 12.70
CA THR A 85 12.97 -24.28 12.82
C THR A 85 13.20 -23.95 14.30
N TYR A 86 14.47 -24.00 14.72
CA TYR A 86 14.87 -23.64 16.10
C TYR A 86 15.83 -22.47 16.07
N HIS A 87 15.61 -21.48 16.92
CA HIS A 87 16.44 -20.29 16.90
C HIS A 87 17.12 -20.11 18.26
N CYS A 88 18.43 -19.87 18.32
CA CYS A 88 19.02 -19.42 19.61
C CYS A 88 19.05 -17.89 19.68
N GLN A 89 19.09 -17.36 20.91
CA GLN A 89 19.11 -15.93 21.06
C GLN A 89 19.94 -15.54 22.28
N HIS A 90 20.87 -14.59 22.14
CA HIS A 90 21.43 -13.95 23.31
C HIS A 90 20.53 -12.75 23.62
N TYR A 91 20.08 -12.62 24.86
CA TYR A 91 19.26 -11.49 25.23
C TYR A 91 19.98 -10.72 26.32
N ALA A 92 20.07 -9.42 26.14
CA ALA A 92 20.82 -8.55 27.01
C ALA A 92 19.81 -7.53 27.57
N GLY A 93 20.27 -6.59 28.40
CA GLY A 93 19.30 -5.68 29.01
C GLY A 93 18.51 -4.82 28.06
N TYR A 94 19.10 -4.44 26.94
CA TYR A 94 18.39 -3.58 26.01
C TYR A 94 18.23 -4.26 24.67
N SER A 95 19.26 -4.94 24.19
CA SER A 95 19.14 -5.52 22.87
C SER A 95 19.19 -7.04 22.93
N ALA A 96 19.04 -7.69 21.77
CA ALA A 96 19.19 -9.09 21.69
C ALA A 96 19.72 -9.38 20.28
N THR A 97 20.18 -10.61 20.06
CA THR A 97 20.68 -11.06 18.78
C THR A 97 20.42 -12.57 18.62
N PHE A 98 20.04 -12.99 17.41
CA PHE A 98 19.69 -14.37 17.14
C PHE A 98 20.77 -15.05 16.29
N GLY A 99 20.93 -16.37 16.42
CA GLY A 99 21.67 -17.14 15.39
C GLY A 99 20.77 -17.20 14.15
N GLN A 100 21.21 -17.86 13.09
CA GLN A 100 20.49 -17.84 11.83
CA GLN A 100 20.49 -17.83 11.82
C GLN A 100 19.39 -18.87 11.71
N GLY A 101 19.21 -19.68 12.75
CA GLY A 101 18.12 -20.68 12.79
C GLY A 101 18.61 -22.03 12.27
N THR A 102 17.98 -23.10 12.74
CA THR A 102 18.27 -24.44 12.27
C THR A 102 16.95 -25.08 11.85
N ARG A 103 16.82 -25.44 10.58
CA ARG A 103 15.61 -26.12 10.11
CA ARG A 103 15.61 -26.13 10.15
C ARG A 103 15.76 -27.63 10.34
N VAL A 104 14.91 -28.22 11.18
CA VAL A 104 14.95 -29.67 11.47
C VAL A 104 13.90 -30.33 10.57
N GLU A 105 14.31 -31.26 9.72
CA GLU A 105 13.40 -31.81 8.72
C GLU A 105 13.47 -33.32 8.79
N ILE A 106 12.50 -33.97 8.14
CA ILE A 106 12.46 -35.43 8.09
C ILE A 106 13.42 -35.91 7.01
N LYS A 107 14.32 -36.84 7.37
CA LYS A 107 15.34 -37.27 6.44
C LYS A 107 14.74 -38.25 5.45
N ARG A 108 15.23 -38.20 4.20
CA ARG A 108 14.85 -39.18 3.19
C ARG A 108 15.99 -39.16 2.19
N THR A 109 15.90 -40.01 1.16
CA THR A 109 17.00 -40.04 0.18
C THR A 109 16.93 -38.83 -0.74
N VAL A 110 18.07 -38.50 -1.35
CA VAL A 110 18.14 -37.42 -2.30
C VAL A 110 17.21 -37.72 -3.44
N ALA A 111 16.44 -36.73 -3.86
CA ALA A 111 15.54 -36.87 -5.02
C ALA A 111 15.73 -35.67 -5.92
N ALA A 112 16.21 -35.87 -7.15
CA ALA A 112 16.21 -34.77 -8.11
C ALA A 112 14.78 -34.33 -8.48
N PRO A 113 14.60 -33.02 -8.76
CA PRO A 113 13.29 -32.51 -9.24
C PRO A 113 12.92 -33.06 -10.60
N SER A 114 11.63 -33.38 -10.77
CA SER A 114 11.02 -33.60 -12.08
C SER A 114 10.51 -32.22 -12.52
N VAL A 115 10.88 -31.81 -13.73
CA VAL A 115 10.72 -30.41 -14.14
C VAL A 115 9.69 -30.31 -15.26
N PHE A 116 8.80 -29.32 -15.19
CA PHE A 116 7.77 -29.16 -16.20
C PHE A 116 7.62 -27.66 -16.48
N ILE A 117 7.49 -27.29 -17.75
CA ILE A 117 7.19 -25.85 -18.08
C ILE A 117 5.79 -25.70 -18.65
N PHE A 118 5.13 -24.59 -18.33
CA PHE A 118 3.76 -24.33 -18.85
C PHE A 118 3.71 -22.97 -19.54
N PRO A 119 3.21 -22.95 -20.79
CA PRO A 119 3.00 -21.70 -21.51
C PRO A 119 1.84 -20.96 -20.90
N PRO A 120 1.77 -19.62 -21.12
CA PRO A 120 0.58 -18.90 -20.70
C PRO A 120 -0.59 -19.38 -21.52
N SER A 121 -1.78 -19.33 -20.98
CA SER A 121 -2.93 -19.72 -21.76
C SER A 121 -3.28 -18.56 -22.72
N ASP A 122 -3.93 -18.90 -23.83
CA ASP A 122 -4.31 -17.90 -24.82
C ASP A 122 -5.24 -16.89 -24.17
N GLU A 123 -6.17 -17.41 -23.37
CA GLU A 123 -7.10 -16.59 -22.64
C GLU A 123 -6.35 -15.50 -21.85
N GLN A 124 -5.43 -15.91 -20.96
CA GLN A 124 -4.64 -14.93 -20.21
C GLN A 124 -3.89 -13.97 -21.13
N LEU A 125 -3.29 -14.52 -22.18
CA LEU A 125 -2.53 -13.70 -23.11
C LEU A 125 -3.40 -12.61 -23.77
N LYS A 126 -4.66 -12.94 -23.99
CA LYS A 126 -5.57 -11.99 -24.57
C LYS A 126 -5.81 -10.82 -23.59
N SER A 127 -5.66 -11.08 -22.30
CA SER A 127 -5.89 -10.03 -21.32
C SER A 127 -4.69 -9.09 -21.16
N GLY A 128 -3.53 -9.45 -21.74
CA GLY A 128 -2.36 -8.54 -21.87
C GLY A 128 -1.15 -8.98 -21.08
N THR A 129 -1.25 -10.14 -20.44
CA THR A 129 -0.18 -10.61 -19.60
C THR A 129 0.13 -12.06 -19.86
N ALA A 130 1.40 -12.37 -19.80
CA ALA A 130 1.83 -13.75 -19.95
C ALA A 130 2.50 -14.21 -18.68
N SER A 131 1.87 -15.19 -18.01
CA SER A 131 2.51 -15.93 -16.93
C SER A 131 3.10 -17.26 -17.46
N VAL A 132 4.41 -17.41 -17.40
CA VAL A 132 5.05 -18.68 -17.77
C VAL A 132 5.36 -19.41 -16.46
N VAL A 133 5.03 -20.69 -16.38
CA VAL A 133 5.14 -21.39 -15.10
C VAL A 133 6.10 -22.57 -15.22
N CYS A 134 7.05 -22.62 -14.28
CA CYS A 134 7.94 -23.77 -14.15
C CYS A 134 7.70 -24.53 -12.85
N LEU A 135 7.49 -25.84 -12.96
CA LEU A 135 7.24 -26.67 -11.77
C LEU A 135 8.44 -27.60 -11.53
N LEU A 136 8.98 -27.61 -10.31
CA LEU A 136 10.02 -28.55 -9.91
C LEU A 136 9.33 -29.47 -8.92
N ASN A 137 9.10 -30.72 -9.30
CA ASN A 137 8.26 -31.59 -8.49
C ASN A 137 9.06 -32.62 -7.72
N ASN A 138 8.73 -32.74 -6.44
CA ASN A 138 9.11 -33.90 -5.59
C ASN A 138 10.62 -34.09 -5.49
N PHE A 139 11.29 -33.07 -4.96
CA PHE A 139 12.74 -33.13 -4.80
C PHE A 139 13.17 -33.07 -3.33
N TYR A 140 14.44 -33.35 -3.08
CA TYR A 140 14.98 -33.35 -1.72
C TYR A 140 16.50 -33.39 -1.87
N PRO A 141 17.25 -32.56 -1.13
CA PRO A 141 16.75 -31.61 -0.13
C PRO A 141 16.18 -30.36 -0.80
N ARG A 142 15.88 -29.35 0.01
CA ARG A 142 15.00 -28.26 -0.44
C ARG A 142 15.66 -27.22 -1.38
N GLU A 143 16.96 -27.13 -1.35
CA GLU A 143 17.66 -26.13 -2.16
C GLU A 143 17.65 -26.47 -3.62
N ALA A 144 17.19 -25.54 -4.45
CA ALA A 144 17.23 -25.69 -5.90
C ALA A 144 17.39 -24.28 -6.50
N LYS A 145 17.77 -24.18 -7.77
CA LYS A 145 17.86 -22.85 -8.37
C LYS A 145 17.13 -22.93 -9.69
N VAL A 146 16.28 -21.95 -9.95
CA VAL A 146 15.63 -21.82 -11.23
C VAL A 146 16.18 -20.58 -11.94
N GLN A 147 16.53 -20.72 -13.22
CA GLN A 147 16.87 -19.56 -14.03
C GLN A 147 15.93 -19.56 -15.20
N TRP A 148 15.47 -18.39 -15.60
CA TRP A 148 14.71 -18.26 -16.84
C TRP A 148 15.58 -17.72 -18.00
N LYS A 149 15.43 -18.32 -19.17
CA LYS A 149 16.05 -17.76 -20.36
C LYS A 149 15.00 -17.57 -21.43
N VAL A 150 15.06 -16.43 -22.11
CA VAL A 150 14.16 -16.12 -23.24
C VAL A 150 15.01 -15.84 -24.47
N ASP A 151 14.81 -16.62 -25.51
CA ASP A 151 15.70 -16.55 -26.64
C ASP A 151 17.18 -16.57 -26.19
N ASN A 152 17.45 -17.36 -25.16
CA ASN A 152 18.81 -17.53 -24.66
C ASN A 152 19.33 -16.39 -23.81
N ALA A 153 18.50 -15.38 -23.56
CA ALA A 153 18.88 -14.29 -22.66
C ALA A 153 18.55 -14.57 -21.19
N LEU A 154 19.57 -14.67 -20.35
CA LEU A 154 19.31 -14.86 -18.94
C LEU A 154 18.47 -13.68 -18.42
N GLN A 155 17.30 -13.98 -17.86
CA GLN A 155 16.39 -12.97 -17.33
C GLN A 155 16.81 -12.64 -15.92
N SER A 156 16.44 -11.45 -15.46
CA SER A 156 16.65 -11.07 -14.08
C SER A 156 15.47 -10.24 -13.57
N GLY A 157 15.00 -10.52 -12.37
CA GLY A 157 14.06 -9.63 -11.70
C GLY A 157 12.61 -9.75 -12.10
N ASN A 158 12.27 -10.75 -12.89
CA ASN A 158 10.88 -10.85 -13.34
C ASN A 158 10.22 -12.18 -13.05
N SER A 159 10.70 -12.90 -12.03
CA SER A 159 10.10 -14.18 -11.63
C SER A 159 9.87 -14.18 -10.13
N GLN A 160 8.94 -15.02 -9.64
CA GLN A 160 8.68 -15.24 -8.22
C GLN A 160 8.53 -16.72 -8.00
N GLU A 161 8.87 -17.20 -6.81
CA GLU A 161 8.91 -18.63 -6.52
C GLU A 161 8.13 -18.91 -5.28
N SER A 162 7.49 -20.07 -5.20
CA SER A 162 7.12 -20.61 -3.88
C SER A 162 7.31 -22.10 -3.71
N VAL A 163 7.47 -22.50 -2.46
CA VAL A 163 7.87 -23.87 -2.10
CA VAL A 163 7.81 -23.88 -2.16
C VAL A 163 6.88 -24.49 -1.11
N THR A 164 6.61 -25.77 -1.25
CA THR A 164 5.73 -26.41 -0.27
C THR A 164 6.52 -26.81 0.97
N GLU A 165 5.80 -27.15 2.03
CA GLU A 165 6.38 -27.87 3.19
C GLU A 165 6.60 -29.34 2.81
N GLN A 166 7.35 -30.12 3.60
CA GLN A 166 7.65 -31.49 3.18
C GLN A 166 6.38 -32.26 3.00
N ASP A 167 6.31 -33.06 1.94
CA ASP A 167 5.09 -33.79 1.65
C ASP A 167 4.80 -34.81 2.74
N SER A 168 3.54 -34.94 3.13
CA SER A 168 3.27 -35.76 4.30
C SER A 168 3.41 -37.26 4.02
N LYS A 169 3.34 -37.65 2.74
CA LYS A 169 3.54 -39.07 2.40
C LYS A 169 5.00 -39.40 2.09
N ASP A 170 5.68 -38.54 1.33
CA ASP A 170 7.00 -38.88 0.83
C ASP A 170 8.14 -37.96 1.24
N SER A 171 7.82 -36.94 2.04
CA SER A 171 8.79 -36.01 2.62
C SER A 171 9.62 -35.21 1.60
N THR A 172 9.10 -35.08 0.37
CA THR A 172 9.78 -34.25 -0.62
C THR A 172 9.26 -32.80 -0.61
N TYR A 173 9.95 -31.94 -1.36
CA TYR A 173 9.50 -30.57 -1.60
C TYR A 173 9.12 -30.40 -3.05
N SER A 174 8.24 -29.44 -3.31
CA SER A 174 7.98 -28.99 -4.65
C SER A 174 8.08 -27.45 -4.69
N LEU A 175 8.39 -26.93 -5.87
CA LEU A 175 8.63 -25.52 -6.07
C LEU A 175 8.00 -25.05 -7.38
N SER A 176 7.38 -23.87 -7.35
CA SER A 176 6.85 -23.28 -8.56
CA SER A 176 6.82 -23.26 -8.55
C SER A 176 7.53 -21.94 -8.75
N SER A 177 7.96 -21.69 -10.00
CA SER A 177 8.50 -20.40 -10.40
C SER A 177 7.66 -19.84 -11.55
N THR A 178 7.32 -18.56 -11.42
CA THR A 178 6.53 -17.86 -12.44
C THR A 178 7.27 -16.66 -13.01
N LEU A 179 7.39 -16.66 -14.34
CA LEU A 179 7.98 -15.58 -15.07
C LEU A 179 6.81 -14.79 -15.61
N THR A 180 6.77 -13.49 -15.30
CA THR A 180 5.64 -12.65 -15.77
C THR A 180 6.08 -11.57 -16.75
N LEU A 181 5.48 -11.55 -17.92
CA LEU A 181 5.83 -10.58 -18.94
C LEU A 181 4.55 -9.94 -19.46
N SER A 182 4.67 -8.80 -20.12
CA SER A 182 3.54 -8.24 -20.85
C SER A 182 3.34 -9.04 -22.13
N LYS A 183 2.13 -8.97 -22.69
CA LYS A 183 1.84 -9.56 -23.99
C LYS A 183 2.80 -9.06 -25.09
N ALA A 184 3.04 -7.75 -25.12
CA ALA A 184 3.99 -7.15 -26.06
C ALA A 184 5.39 -7.75 -25.93
N ASP A 185 5.87 -7.86 -24.68
CA ASP A 185 7.18 -8.43 -24.46
C ASP A 185 7.16 -9.91 -24.77
N TYR A 186 6.09 -10.59 -24.36
CA TYR A 186 5.99 -12.04 -24.56
C TYR A 186 6.06 -12.33 -26.05
N GLU A 187 5.30 -11.57 -26.83
CA GLU A 187 5.13 -11.87 -28.24
C GLU A 187 6.34 -11.43 -29.06
N LYS A 188 7.36 -10.87 -28.42
CA LYS A 188 8.55 -10.51 -29.19
C LYS A 188 9.68 -11.54 -29.17
N HIS A 189 9.48 -12.64 -28.44
CA HIS A 189 10.48 -13.70 -28.31
C HIS A 189 9.83 -15.04 -28.59
N LYS A 190 10.65 -16.02 -28.96
CA LYS A 190 10.14 -17.33 -29.34
C LYS A 190 10.34 -18.40 -28.27
N VAL A 191 11.60 -18.63 -27.89
CA VAL A 191 11.97 -19.73 -27.03
C VAL A 191 11.95 -19.32 -25.55
N TYR A 192 11.09 -20.00 -24.78
CA TYR A 192 10.97 -19.80 -23.35
C TYR A 192 11.48 -21.03 -22.62
N ALA A 193 12.45 -20.85 -21.71
CA ALA A 193 13.10 -21.97 -21.09
C ALA A 193 13.30 -21.78 -19.59
N CYS A 194 13.02 -22.85 -18.86
CA CYS A 194 13.17 -22.94 -17.42
C CYS A 194 14.41 -23.83 -17.21
N GLU A 195 15.43 -23.34 -16.50
CA GLU A 195 16.64 -24.11 -16.31
C GLU A 195 16.91 -24.36 -14.83
N VAL A 196 17.14 -25.63 -14.46
CA VAL A 196 17.13 -26.01 -13.05
C VAL A 196 18.41 -26.67 -12.63
N THR A 197 18.82 -26.35 -11.42
CA THR A 197 19.98 -26.94 -10.87
C THR A 197 19.62 -27.46 -9.44
N HIS A 198 20.13 -28.66 -9.09
CA HIS A 198 19.87 -29.27 -7.77
C HIS A 198 20.98 -30.32 -7.53
N GLN A 199 21.34 -30.55 -6.27
CA GLN A 199 22.49 -31.43 -6.02
C GLN A 199 22.26 -32.84 -6.60
N GLY A 200 21.00 -33.21 -6.76
CA GLY A 200 20.67 -34.54 -7.28
C GLY A 200 20.80 -34.68 -8.79
N LEU A 201 21.07 -33.55 -9.45
CA LEU A 201 21.30 -33.53 -10.90
C LEU A 201 22.80 -33.38 -11.20
N SER A 202 23.30 -34.10 -12.18
CA SER A 202 24.71 -33.94 -12.55
C SER A 202 24.93 -32.71 -13.45
N SER A 203 23.87 -32.32 -14.16
CA SER A 203 23.93 -31.09 -14.93
C SER A 203 22.61 -30.35 -14.88
N PRO A 204 22.61 -29.09 -15.31
CA PRO A 204 21.31 -28.42 -15.24
C PRO A 204 20.30 -29.08 -16.16
N VAL A 205 19.03 -29.03 -15.79
CA VAL A 205 17.95 -29.57 -16.63
C VAL A 205 17.18 -28.39 -17.19
N THR A 206 16.95 -28.36 -18.49
CA THR A 206 16.18 -27.27 -19.11
C THR A 206 14.92 -27.80 -19.73
N LYS A 207 13.80 -27.12 -19.48
CA LYS A 207 12.55 -27.44 -20.18
C LYS A 207 12.11 -26.20 -20.88
N SER A 208 11.76 -26.34 -22.16
CA SER A 208 11.33 -25.17 -22.89
C SER A 208 10.14 -25.39 -23.82
N PHE A 209 9.64 -24.30 -24.36
CA PHE A 209 8.72 -24.34 -25.47
C PHE A 209 8.98 -23.16 -26.42
N ASN A 210 8.45 -23.28 -27.64
CA ASN A 210 8.42 -22.21 -28.64
C ASN A 210 7.05 -21.55 -28.65
N ARG A 211 7.03 -20.24 -28.46
CA ARG A 211 5.78 -19.51 -28.28
C ARG A 211 4.83 -19.81 -29.42
N GLY A 212 3.68 -20.37 -29.07
CA GLY A 212 2.64 -20.63 -30.04
C GLY A 212 2.89 -21.86 -30.90
N GLU A 213 3.24 -22.96 -30.26
CA GLU A 213 3.38 -24.25 -30.94
C GLU A 213 4.71 -24.38 -31.71
N GLU B 1 -2.82 -16.55 27.89
CA GLU B 1 -3.85 -15.49 27.68
C GLU B 1 -3.26 -14.14 27.30
N VAL B 2 -2.00 -13.87 27.64
CA VAL B 2 -1.39 -12.63 27.14
C VAL B 2 -1.28 -12.72 25.62
N GLN B 3 -1.59 -11.64 24.92
CA GLN B 3 -1.54 -11.65 23.47
C GLN B 3 -1.01 -10.34 22.98
N LEU B 4 -0.47 -10.34 21.76
CA LEU B 4 0.04 -9.13 21.08
C LEU B 4 -0.45 -9.20 19.62
N VAL B 5 -0.79 -8.06 19.01
CA VAL B 5 -1.23 -8.04 17.61
C VAL B 5 -0.57 -6.85 16.92
N GLU B 6 0.19 -7.10 15.86
CA GLU B 6 0.71 -6.05 14.97
C GLU B 6 -0.32 -5.62 13.90
N SER B 7 -0.34 -4.32 13.58
CA SER B 7 -1.11 -3.79 12.45
C SER B 7 -0.22 -2.92 11.62
N GLY B 8 -0.60 -2.71 10.37
CA GLY B 8 0.08 -1.75 9.57
C GLY B 8 0.93 -2.24 8.42
N GLY B 9 1.10 -3.56 8.22
CA GLY B 9 1.95 -4.03 7.11
C GLY B 9 1.43 -3.83 5.70
N GLY B 10 2.23 -4.17 4.70
CA GLY B 10 1.77 -4.08 3.31
C GLY B 10 2.96 -3.86 2.39
N LEU B 11 2.69 -3.41 1.16
CA LEU B 11 3.70 -3.13 0.17
C LEU B 11 4.18 -1.69 0.28
N VAL B 12 5.49 -1.48 0.15
CA VAL B 12 6.07 -0.13 0.16
C VAL B 12 7.04 -0.12 -0.96
N LYS B 13 7.17 0.98 -1.68
CA LYS B 13 8.24 1.10 -2.67
C LYS B 13 9.55 1.49 -1.93
N ALA B 14 10.69 1.03 -2.46
CA ALA B 14 12.00 1.43 -1.91
C ALA B 14 12.04 2.95 -1.72
N GLY B 15 12.49 3.39 -0.55
CA GLY B 15 12.61 4.79 -0.22
C GLY B 15 11.39 5.30 0.52
N GLY B 16 10.34 4.49 0.61
CA GLY B 16 9.08 4.91 1.22
C GLY B 16 9.01 4.69 2.72
N SER B 17 7.89 5.05 3.33
CA SER B 17 7.72 4.94 4.79
C SER B 17 6.53 4.08 5.11
N LEU B 18 6.58 3.40 6.25
CA LEU B 18 5.49 2.53 6.65
C LEU B 18 5.49 2.55 8.17
N ILE B 19 4.33 2.73 8.81
CA ILE B 19 4.27 2.70 10.29
CA ILE B 19 4.32 2.68 10.29
C ILE B 19 3.51 1.46 10.80
N LEU B 20 4.07 0.74 11.76
CA LEU B 20 3.38 -0.42 12.38
C LEU B 20 2.97 -0.06 13.79
N SER B 21 1.89 -0.68 14.25
CA SER B 21 1.58 -0.63 15.70
C SER B 21 1.39 -2.03 16.29
N CYS B 22 1.40 -2.10 17.59
CA CYS B 22 1.24 -3.34 18.29
C CYS B 22 0.37 -3.01 19.50
N GLY B 23 -0.78 -3.69 19.60
CA GLY B 23 -1.64 -3.67 20.76
C GLY B 23 -1.58 -4.98 21.54
N VAL B 24 -1.86 -4.94 22.84
CA VAL B 24 -1.80 -6.16 23.63
C VAL B 24 -3.08 -6.55 24.33
N SER B 25 -3.13 -7.77 24.85
CA SER B 25 -4.28 -8.18 25.66
C SER B 25 -3.77 -8.87 26.92
N ASN B 26 -4.37 -8.53 28.05
CA ASN B 26 -4.20 -9.29 29.30
C ASN B 26 -2.87 -9.13 30.01
N PHE B 27 -2.11 -8.12 29.60
CA PHE B 27 -1.07 -7.61 30.45
C PHE B 27 -0.91 -6.14 30.15
N ARG B 28 -0.10 -5.48 30.97
CA ARG B 28 0.15 -4.05 30.80
C ARG B 28 1.57 -3.90 30.29
N ILE B 29 1.74 -3.15 29.21
CA ILE B 29 3.09 -3.05 28.67
C ILE B 29 4.07 -2.29 29.57
N SER B 30 3.56 -1.48 30.51
CA SER B 30 4.43 -0.54 31.20
C SER B 30 5.54 -1.24 31.96
N ALA B 31 5.31 -2.48 32.39
CA ALA B 31 6.30 -3.19 33.16
C ALA B 31 7.39 -3.85 32.28
N HIS B 32 7.28 -3.74 30.95
CA HIS B 32 8.15 -4.48 30.05
C HIS B 32 8.96 -3.63 29.08
N THR B 33 10.17 -4.10 28.80
CA THR B 33 10.89 -3.62 27.62
C THR B 33 10.24 -4.24 26.43
N MET B 34 9.92 -3.45 25.40
CA MET B 34 9.14 -4.01 24.28
C MET B 34 10.04 -4.03 23.05
N ASN B 35 9.80 -4.94 22.10
CA ASN B 35 10.74 -5.16 21.02
C ASN B 35 10.01 -5.38 19.69
N TRP B 36 10.73 -5.09 18.61
CA TRP B 36 10.32 -5.55 17.30
C TRP B 36 11.39 -6.48 16.80
N VAL B 37 10.97 -7.58 16.16
CA VAL B 37 11.87 -8.57 15.57
C VAL B 37 11.28 -8.85 14.20
N ARG B 38 12.12 -9.23 13.22
CA ARG B 38 11.58 -9.61 11.92
C ARG B 38 12.16 -10.93 11.45
N ARG B 39 11.34 -11.68 10.73
CA ARG B 39 11.83 -12.88 10.12
C ARG B 39 11.99 -12.60 8.66
N VAL B 40 13.21 -12.74 8.16
CA VAL B 40 13.49 -12.43 6.77
C VAL B 40 13.25 -13.68 5.90
N PRO B 41 13.15 -13.47 4.57
CA PRO B 41 12.82 -14.60 3.70
C PRO B 41 13.74 -15.83 3.86
N GLY B 42 14.98 -15.64 4.30
CA GLY B 42 15.91 -16.77 4.49
C GLY B 42 15.60 -17.64 5.71
N GLY B 43 14.68 -17.17 6.55
CA GLY B 43 14.24 -17.97 7.69
C GLY B 43 14.75 -17.48 9.04
N GLY B 44 15.80 -16.66 9.05
CA GLY B 44 16.38 -16.24 10.31
C GLY B 44 15.62 -15.09 10.95
N LEU B 45 15.71 -14.96 12.27
CA LEU B 45 15.14 -13.83 12.97
C LEU B 45 16.19 -12.76 13.13
N GLU B 46 15.76 -11.53 13.16
CA GLU B 46 16.69 -10.44 13.35
CA GLU B 46 16.69 -10.40 13.33
C GLU B 46 16.02 -9.47 14.28
N TRP B 47 16.68 -9.23 15.42
CA TRP B 47 16.17 -8.25 16.38
C TRP B 47 16.22 -6.84 15.72
N VAL B 48 15.15 -6.06 15.80
CA VAL B 48 15.09 -4.75 15.08
C VAL B 48 15.25 -3.55 16.00
N ALA B 49 14.47 -3.51 17.08
CA ALA B 49 14.52 -2.35 17.99
C ALA B 49 13.94 -2.70 19.36
N SER B 50 14.28 -1.91 20.37
CA SER B 50 13.69 -2.10 21.68
C SER B 50 13.52 -0.75 22.33
N ILE B 51 12.60 -0.73 23.30
CA ILE B 51 12.35 0.48 24.09
C ILE B 51 12.18 0.05 25.54
N SER B 52 12.99 0.61 26.43
CA SER B 52 13.00 0.17 27.82
C SER B 52 11.78 0.75 28.55
N THR B 53 11.52 0.30 29.78
CA THR B 53 10.45 0.91 30.52
C THR B 53 10.71 2.40 30.69
N SER B 54 9.61 3.17 30.65
CA SER B 54 9.55 4.64 30.70
C SER B 54 10.41 5.36 29.62
N SER B 55 10.72 4.63 28.56
CA SER B 55 11.54 5.13 27.47
C SER B 55 12.90 5.69 27.91
N THR B 56 13.58 5.08 28.86
CA THR B 56 14.86 5.66 29.23
C THR B 56 15.88 5.46 28.09
N TYR B 57 15.59 4.54 27.19
CA TYR B 57 16.51 4.22 26.13
C TYR B 57 15.82 3.47 25.00
N ARG B 58 16.19 3.80 23.78
CA ARG B 58 15.63 3.12 22.61
C ARG B 58 16.84 2.61 21.87
N ASP B 59 16.82 1.35 21.43
CA ASP B 59 18.00 0.77 20.82
C ASP B 59 17.56 0.13 19.51
N TYR B 60 18.47 0.10 18.52
CA TYR B 60 18.14 -0.35 17.17
C TYR B 60 19.28 -1.21 16.66
N ALA B 61 18.96 -2.19 15.83
CA ALA B 61 19.99 -2.84 15.02
C ALA B 61 20.74 -1.83 14.11
N ASP B 62 22.04 -2.06 13.92
CA ASP B 62 22.83 -1.22 13.00
C ASP B 62 22.15 -1.06 11.64
N ALA B 63 21.46 -2.08 11.14
CA ALA B 63 20.97 -1.99 9.77
C ALA B 63 19.81 -0.97 9.61
N VAL B 64 19.17 -0.57 10.71
CA VAL B 64 17.95 0.25 10.64
C VAL B 64 18.10 1.53 11.45
N LYS B 65 19.16 1.62 12.24
CA LYS B 65 19.40 2.83 13.02
C LYS B 65 19.41 4.07 12.11
N GLY B 66 18.69 5.11 12.53
CA GLY B 66 18.68 6.34 11.77
C GLY B 66 17.50 6.39 10.81
N ARG B 67 16.91 5.24 10.50
CA ARG B 67 15.75 5.12 9.61
C ARG B 67 14.46 4.68 10.32
N PHE B 68 14.59 3.94 11.41
CA PHE B 68 13.41 3.43 12.14
C PHE B 68 13.28 4.14 13.46
N THR B 69 12.06 4.27 14.01
CA THR B 69 11.89 4.85 15.35
C THR B 69 10.90 3.96 16.06
N VAL B 70 11.20 3.61 17.31
CA VAL B 70 10.27 2.93 18.18
C VAL B 70 9.72 3.87 19.25
N SER B 71 8.41 3.77 19.53
CA SER B 71 7.72 4.60 20.51
C SER B 71 6.83 3.72 21.34
N ARG B 72 6.62 4.09 22.61
CA ARG B 72 5.65 3.33 23.43
C ARG B 72 4.55 4.26 23.93
N ASP B 73 3.34 3.72 24.13
CA ASP B 73 2.20 4.42 24.66
C ASP B 73 1.73 3.56 25.84
N ASP B 74 2.19 3.87 27.04
CA ASP B 74 1.97 2.98 28.19
C ASP B 74 0.54 3.07 28.74
N LEU B 75 -0.15 4.18 28.50
CA LEU B 75 -1.45 4.31 29.08
C LEU B 75 -2.52 3.49 28.39
N GLU B 76 -2.42 3.34 27.07
CA GLU B 76 -3.41 2.57 26.31
C GLU B 76 -2.80 1.32 25.67
N ASP B 77 -1.55 1.04 26.06
CA ASP B 77 -0.82 -0.20 25.76
C ASP B 77 -0.55 -0.44 24.27
N PHE B 78 0.14 0.51 23.62
CA PHE B 78 0.55 0.33 22.25
C PHE B 78 2.05 0.55 22.16
N VAL B 79 2.62 -0.09 21.16
CA VAL B 79 4.01 0.18 20.76
C VAL B 79 3.98 0.49 19.26
N TYR B 80 4.86 1.39 18.80
CA TYR B 80 4.87 1.74 17.39
C TYR B 80 6.25 1.49 16.77
N LEU B 81 6.29 1.23 15.47
CA LEU B 81 7.59 1.28 14.78
C LEU B 81 7.46 2.07 13.50
N GLN B 82 8.13 3.23 13.43
CA GLN B 82 8.25 3.97 12.15
C GLN B 82 9.38 3.44 11.32
N MET B 83 9.13 3.22 10.05
CA MET B 83 10.15 2.72 9.17
C MET B 83 10.23 3.67 8.00
N HIS B 84 11.38 4.35 7.89
CA HIS B 84 11.54 5.35 6.83
C HIS B 84 12.64 4.91 5.85
N LYS B 85 12.64 5.53 4.67
CA LYS B 85 13.66 5.23 3.67
C LYS B 85 13.85 3.73 3.48
N MET B 86 12.75 3.03 3.27
CA MET B 86 12.83 1.58 3.31
C MET B 86 13.62 0.93 2.18
N ARG B 87 14.20 -0.24 2.45
CA ARG B 87 15.07 -0.94 1.51
C ARG B 87 14.49 -2.30 1.20
N VAL B 88 14.87 -2.88 0.06
CA VAL B 88 14.40 -4.22 -0.29
C VAL B 88 14.67 -5.18 0.88
N GLU B 89 15.84 -5.07 1.49
CA GLU B 89 16.21 -5.96 2.58
C GLU B 89 15.45 -5.77 3.89
N ASP B 90 14.59 -4.74 3.97
CA ASP B 90 13.66 -4.63 5.10
C ASP B 90 12.45 -5.56 4.94
N THR B 91 12.30 -6.19 3.78
CA THR B 91 11.22 -7.16 3.55
C THR B 91 11.25 -8.34 4.57
N ALA B 92 10.16 -8.56 5.28
CA ALA B 92 10.17 -9.52 6.37
C ALA B 92 8.80 -9.59 6.97
N ILE B 93 8.59 -10.60 7.79
CA ILE B 93 7.49 -10.58 8.75
C ILE B 93 8.00 -9.86 10.02
N TYR B 94 7.27 -8.84 10.47
CA TYR B 94 7.62 -8.06 11.66
C TYR B 94 6.72 -8.49 12.86
N TYR B 95 7.34 -8.80 14.01
CA TYR B 95 6.57 -9.19 15.22
C TYR B 95 6.88 -8.18 16.31
N CYS B 96 5.90 -7.84 17.16
CA CYS B 96 6.26 -7.24 18.46
C CYS B 96 6.35 -8.35 19.51
N ALA B 97 7.29 -8.20 20.44
CA ALA B 97 7.56 -9.23 21.43
C ALA B 97 7.88 -8.51 22.73
N ARG B 98 7.37 -9.04 23.84
CA ARG B 98 7.73 -8.47 25.11
C ARG B 98 8.93 -9.21 25.67
N LYS B 99 9.79 -8.47 26.37
CA LYS B 99 10.82 -9.10 27.20
C LYS B 99 10.12 -9.37 28.55
N GLY B 100 10.17 -10.61 29.01
CA GLY B 100 9.39 -10.99 30.17
C GLY B 100 9.46 -12.44 30.61
N SER B 101 8.90 -12.71 31.78
CA SER B 101 8.91 -14.04 32.38
C SER B 101 7.76 -14.06 33.39
N ASP B 102 7.39 -15.24 33.88
CA ASP B 102 6.34 -15.29 34.89
C ASP B 102 6.70 -14.39 36.07
N ARG B 103 7.94 -14.50 36.56
CA ARG B 103 8.44 -13.54 37.55
C ARG B 103 9.54 -12.71 36.92
N LEU B 104 9.29 -11.41 36.78
CA LEU B 104 10.21 -10.53 36.07
C LEU B 104 11.58 -10.55 36.71
N SER B 105 12.64 -10.66 35.89
CA SER B 105 14.01 -10.51 36.44
C SER B 105 14.68 -9.31 35.77
N ASP B 106 15.92 -9.07 36.17
CA ASP B 106 16.69 -8.00 35.57
C ASP B 106 17.05 -8.33 34.12
N ASN B 107 16.90 -9.59 33.69
CA ASN B 107 17.15 -9.88 32.25
C ASN B 107 16.37 -11.10 31.78
N ASP B 108 15.26 -10.85 31.10
CA ASP B 108 14.37 -11.95 30.71
C ASP B 108 14.42 -12.20 29.19
N PRO B 109 14.01 -13.41 28.76
CA PRO B 109 13.88 -13.67 27.31
C PRO B 109 12.60 -13.05 26.74
N PHE B 110 12.25 -13.34 25.48
CA PHE B 110 11.03 -12.81 24.88
C PHE B 110 9.93 -13.86 25.07
N ASP B 111 9.13 -13.71 26.12
CA ASP B 111 8.19 -14.75 26.42
C ASP B 111 6.86 -14.65 25.66
N ALA B 112 6.53 -13.52 25.07
CA ALA B 112 5.25 -13.44 24.36
C ALA B 112 5.46 -12.64 23.07
N TRP B 113 4.92 -13.17 21.96
CA TRP B 113 5.13 -12.61 20.64
C TRP B 113 3.76 -12.45 19.93
N GLY B 114 3.61 -11.46 19.06
CA GLY B 114 2.43 -11.41 18.18
C GLY B 114 2.60 -12.39 17.03
N PRO B 115 1.54 -12.59 16.22
CA PRO B 115 1.52 -13.50 15.08
C PRO B 115 2.36 -12.99 13.91
N GLY B 116 2.56 -11.68 13.86
CA GLY B 116 3.44 -11.07 12.87
C GLY B 116 2.65 -10.40 11.76
N THR B 117 3.21 -9.33 11.17
CA THR B 117 2.62 -8.65 10.01
CA THR B 117 2.60 -8.74 9.98
C THR B 117 3.62 -8.62 8.84
N VAL B 118 3.18 -8.89 7.63
CA VAL B 118 4.06 -8.96 6.45
C VAL B 118 4.39 -7.60 5.85
N VAL B 119 5.67 -7.30 5.69
CA VAL B 119 6.08 -6.01 5.09
C VAL B 119 6.92 -6.34 3.87
N THR B 120 6.58 -5.77 2.71
CA THR B 120 7.28 -6.10 1.45
C THR B 120 7.72 -4.82 0.77
N VAL B 121 9.02 -4.68 0.53
CA VAL B 121 9.54 -3.47 -0.10
C VAL B 121 9.99 -3.79 -1.53
N SER B 122 9.35 -3.16 -2.54
CA SER B 122 9.70 -3.40 -3.95
CA SER B 122 9.68 -3.38 -3.95
C SER B 122 10.91 -2.59 -4.41
N PRO B 123 11.70 -3.15 -5.34
CA PRO B 123 12.94 -2.48 -5.65
C PRO B 123 12.72 -1.19 -6.42
N ALA B 124 11.59 -1.07 -7.10
CA ALA B 124 11.38 0.10 -7.97
C ALA B 124 10.87 1.31 -7.19
N SER B 125 11.70 2.33 -6.98
CA SER B 125 11.15 3.52 -6.34
C SER B 125 10.53 4.51 -7.34
N THR B 126 10.66 4.21 -8.63
CA THR B 126 10.12 5.08 -9.69
C THR B 126 9.67 4.29 -10.90
N LYS B 127 8.94 4.97 -11.77
CA LYS B 127 8.37 4.35 -12.94
C LYS B 127 7.99 5.42 -13.94
N GLY B 128 8.51 5.29 -15.16
CA GLY B 128 8.24 6.26 -16.22
C GLY B 128 6.88 6.02 -16.84
N PRO B 129 6.26 7.10 -17.38
CA PRO B 129 4.92 6.99 -17.97
C PRO B 129 4.87 6.35 -19.37
N SER B 130 3.76 5.67 -19.66
CA SER B 130 3.40 5.35 -21.03
C SER B 130 2.61 6.53 -21.58
N VAL B 131 2.86 6.89 -22.85
CA VAL B 131 2.18 8.03 -23.46
CA VAL B 131 2.17 8.03 -23.46
C VAL B 131 1.33 7.61 -24.66
N PHE B 132 0.05 8.01 -24.66
CA PHE B 132 -0.86 7.64 -25.75
C PHE B 132 -1.47 8.90 -26.35
N PRO B 133 -1.66 8.92 -27.68
CA PRO B 133 -2.21 10.13 -28.27
C PRO B 133 -3.69 10.26 -27.98
N LEU B 134 -4.18 11.49 -27.88
CA LEU B 134 -5.62 11.77 -27.87
C LEU B 134 -5.91 12.43 -29.20
N ALA B 135 -6.40 11.63 -30.15
CA ALA B 135 -6.44 12.01 -31.56
C ALA B 135 -7.62 12.89 -31.89
N PRO B 136 -7.34 13.99 -32.60
CA PRO B 136 -8.37 14.92 -33.08
C PRO B 136 -9.45 14.26 -33.92
N SER B 137 -10.71 14.58 -33.61
CA SER B 137 -11.86 14.18 -34.45
C SER B 137 -11.96 15.03 -35.72
N GLY B 144 -14.46 25.49 -36.72
CA GLY B 144 -13.47 26.49 -36.35
C GLY B 144 -12.28 25.90 -35.62
N THR B 145 -12.54 25.30 -34.45
CA THR B 145 -11.49 24.75 -33.57
C THR B 145 -11.57 23.21 -33.44
N ALA B 146 -10.40 22.58 -33.32
CA ALA B 146 -10.31 21.14 -33.04
C ALA B 146 -9.54 20.92 -31.73
N ALA B 147 -9.78 19.82 -31.01
CA ALA B 147 -8.99 19.51 -29.79
C ALA B 147 -8.17 18.21 -29.96
N LEU B 148 -6.97 18.16 -29.35
CA LEU B 148 -6.15 16.93 -29.27
C LEU B 148 -5.28 16.94 -28.00
N GLY B 149 -4.49 15.89 -27.77
CA GLY B 149 -3.71 15.82 -26.52
C GLY B 149 -2.88 14.55 -26.36
N CYS B 150 -2.34 14.37 -25.14
CA CYS B 150 -1.58 13.19 -24.76
C CYS B 150 -2.07 12.68 -23.43
N LEU B 151 -2.37 11.39 -23.38
CA LEU B 151 -2.65 10.72 -22.13
C LEU B 151 -1.31 10.21 -21.58
N VAL B 152 -0.99 10.61 -20.36
CA VAL B 152 0.30 10.27 -19.79
C VAL B 152 0.03 9.36 -18.61
N LYS B 153 0.24 8.05 -18.75
CA LYS B 153 -0.26 7.22 -17.67
C LYS B 153 0.66 6.21 -17.05
N ASP B 154 0.34 5.86 -15.82
CA ASP B 154 1.10 4.83 -15.10
C ASP B 154 2.54 5.25 -14.74
N TYR B 155 2.69 6.43 -14.12
CA TYR B 155 4.00 6.83 -13.60
C TYR B 155 4.03 7.05 -12.09
N PHE B 156 5.25 7.10 -11.55
CA PHE B 156 5.44 7.25 -10.12
C PHE B 156 6.90 7.64 -9.85
N PRO B 157 7.12 8.57 -8.92
CA PRO B 157 6.11 9.38 -8.24
C PRO B 157 5.77 10.60 -9.09
N GLU B 158 4.99 11.54 -8.53
CA GLU B 158 4.79 12.84 -9.19
C GLU B 158 6.11 13.60 -9.12
N PRO B 159 6.37 14.53 -10.07
CA PRO B 159 5.48 14.96 -11.13
C PRO B 159 6.02 14.56 -12.47
N VAL B 160 5.25 14.88 -13.49
CA VAL B 160 5.64 14.73 -14.87
C VAL B 160 5.29 16.11 -15.41
N THR B 161 6.08 16.63 -16.34
CA THR B 161 5.70 17.85 -17.07
C THR B 161 5.44 17.56 -18.55
N VAL B 162 4.45 18.23 -19.11
CA VAL B 162 4.19 18.18 -20.55
C VAL B 162 4.41 19.55 -21.20
N SER B 163 5.14 19.61 -22.39
CA SER B 163 4.97 20.78 -23.24
C SER B 163 4.66 20.40 -24.70
N TRP B 164 4.47 21.41 -25.54
CA TRP B 164 4.02 21.13 -26.89
C TRP B 164 4.89 21.86 -27.90
N ASN B 165 5.28 20.96 -29.01
CA ASN B 165 6.22 21.58 -29.94
C ASN B 165 7.33 22.36 -29.24
N SER B 166 7.96 21.66 -28.29
CA SER B 166 9.16 22.11 -27.54
C SER B 166 8.97 23.45 -26.83
N GLY B 167 7.72 23.73 -26.44
CA GLY B 167 7.39 24.98 -25.78
C GLY B 167 6.99 26.10 -26.74
N ALA B 168 6.97 25.81 -28.04
CA ALA B 168 6.51 26.79 -29.02
C ALA B 168 5.00 27.01 -28.93
N LEU B 169 4.29 25.95 -28.55
CA LEU B 169 2.85 26.00 -28.43
C LEU B 169 2.47 26.12 -26.95
N THR B 170 1.78 27.20 -26.58
CA THR B 170 1.34 27.34 -25.19
C THR B 170 -0.06 27.90 -24.99
N SER B 171 -0.54 28.71 -25.94
CA SER B 171 -1.88 29.27 -25.85
C SER B 171 -2.90 28.14 -26.02
N GLY B 172 -3.94 28.12 -25.19
CA GLY B 172 -4.99 27.11 -25.31
C GLY B 172 -4.63 25.74 -24.74
N VAL B 173 -3.43 25.57 -24.07
CA VAL B 173 -3.01 24.28 -23.55
C VAL B 173 -3.56 24.10 -22.14
N HIS B 174 -4.09 22.92 -21.84
CA HIS B 174 -4.47 22.64 -20.48
C HIS B 174 -3.80 21.36 -20.03
N THR B 175 -3.07 21.43 -18.93
CA THR B 175 -2.50 20.21 -18.37
C THR B 175 -3.09 19.93 -17.01
N PHE B 176 -3.87 18.85 -16.93
CA PHE B 176 -4.63 18.55 -15.73
C PHE B 176 -3.79 18.08 -14.55
N PRO B 177 -4.27 18.35 -13.34
CA PRO B 177 -3.69 17.72 -12.15
C PRO B 177 -3.67 16.21 -12.31
N ALA B 178 -2.62 15.58 -11.79
CA ALA B 178 -2.51 14.12 -11.86
C ALA B 178 -3.61 13.52 -10.99
N VAL B 179 -3.90 12.28 -11.26
CA VAL B 179 -4.96 11.55 -10.61
C VAL B 179 -4.26 10.28 -10.11
N LEU B 180 -4.42 9.93 -8.84
CA LEU B 180 -3.86 8.70 -8.32
C LEU B 180 -4.82 7.57 -8.67
N GLN B 181 -4.35 6.59 -9.43
CA GLN B 181 -5.23 5.50 -9.88
C GLN B 181 -5.30 4.43 -8.83
N SER B 182 -6.27 3.52 -8.94
CA SER B 182 -6.42 2.46 -7.95
C SER B 182 -5.26 1.48 -7.98
N SER B 183 -4.38 1.65 -9.02
CA SER B 183 -3.15 0.84 -9.05
C SER B 183 -2.05 1.43 -8.18
N GLY B 184 -2.23 2.68 -7.73
CA GLY B 184 -1.18 3.38 -7.00
C GLY B 184 -0.26 4.18 -7.90
N LEU B 185 -0.55 4.21 -9.20
CA LEU B 185 0.26 4.97 -10.14
CA LEU B 185 0.25 4.95 -10.16
C LEU B 185 -0.54 6.16 -10.64
N TYR B 186 0.18 7.23 -10.99
CA TYR B 186 -0.42 8.49 -11.44
C TYR B 186 -0.75 8.50 -12.92
N SER B 187 -1.70 9.37 -13.30
CA SER B 187 -2.13 9.52 -14.68
C SER B 187 -2.53 10.97 -14.86
N LEU B 188 -2.26 11.53 -16.04
CA LEU B 188 -2.89 12.82 -16.37
C LEU B 188 -3.00 12.92 -17.87
N SER B 189 -3.83 13.87 -18.32
CA SER B 189 -3.84 14.26 -19.72
C SER B 189 -3.42 15.72 -19.87
N SER B 190 -2.83 16.02 -21.02
CA SER B 190 -2.58 17.38 -21.42
C SER B 190 -3.28 17.51 -22.78
N VAL B 191 -4.03 18.59 -22.96
CA VAL B 191 -4.76 18.81 -24.22
C VAL B 191 -4.48 20.20 -24.79
N VAL B 192 -4.81 20.42 -26.06
CA VAL B 192 -4.70 21.77 -26.66
C VAL B 192 -5.77 21.95 -27.74
N THR B 193 -6.42 23.11 -27.77
CA THR B 193 -7.37 23.34 -28.84
C THR B 193 -6.64 24.15 -29.91
N VAL B 194 -6.77 23.77 -31.19
CA VAL B 194 -6.05 24.45 -32.26
C VAL B 194 -6.98 24.69 -33.45
N PRO B 195 -6.60 25.62 -34.36
CA PRO B 195 -7.34 25.94 -35.60
C PRO B 195 -7.65 24.68 -36.42
N SER B 196 -8.92 24.42 -36.71
CA SER B 196 -9.32 23.15 -37.29
C SER B 196 -8.92 23.03 -38.78
N SER B 197 -8.67 24.16 -39.45
CA SER B 197 -8.09 24.17 -40.82
C SER B 197 -6.61 23.76 -40.83
N SER B 198 -5.89 24.10 -39.76
CA SER B 198 -4.45 23.86 -39.70
C SER B 198 -4.08 22.54 -38.99
N LEU B 199 -4.80 21.47 -39.33
CA LEU B 199 -4.51 20.12 -38.85
C LEU B 199 -3.72 19.34 -39.90
N GLY B 200 -4.35 19.08 -41.04
CA GLY B 200 -3.77 18.23 -42.08
C GLY B 200 -2.43 18.65 -42.70
N THR B 201 -1.84 19.73 -42.18
CA THR B 201 -0.51 20.15 -42.61
C THR B 201 0.44 20.18 -41.40
N GLN B 202 -0.17 20.34 -40.23
CA GLN B 202 0.63 20.99 -39.19
C GLN B 202 0.74 20.12 -37.92
N THR B 203 1.97 19.90 -37.47
CA THR B 203 2.18 18.66 -36.72
C THR B 203 2.34 18.95 -35.22
N TYR B 204 1.74 18.11 -34.38
CA TYR B 204 1.74 18.36 -32.94
C TYR B 204 2.40 17.24 -32.14
N ILE B 205 3.43 17.59 -31.35
CA ILE B 205 4.16 16.62 -30.53
C ILE B 205 4.27 17.10 -29.08
N CYS B 206 3.90 16.20 -28.17
CA CYS B 206 3.98 16.51 -26.75
C CYS B 206 5.28 15.95 -26.16
N ASN B 207 5.94 16.83 -25.40
CA ASN B 207 7.21 16.56 -24.78
C ASN B 207 6.92 16.20 -23.33
N VAL B 208 6.82 14.90 -23.06
CA VAL B 208 6.52 14.40 -21.71
C VAL B 208 7.83 14.23 -20.93
N ASN B 209 7.92 14.83 -19.75
CA ASN B 209 9.12 14.67 -18.95
C ASN B 209 8.84 14.18 -17.51
N HIS B 210 9.36 13.00 -17.21
CA HIS B 210 9.25 12.39 -15.88
C HIS B 210 10.63 12.39 -15.26
N LYS B 211 10.93 13.40 -14.46
CA LYS B 211 12.28 13.54 -13.89
C LYS B 211 12.72 12.44 -12.92
N PRO B 212 11.79 11.86 -12.15
CA PRO B 212 12.21 10.88 -11.14
C PRO B 212 12.80 9.60 -11.75
N SER B 213 12.38 9.25 -12.95
CA SER B 213 12.87 8.04 -13.60
C SER B 213 13.78 8.38 -14.80
N ASN B 214 14.33 9.61 -14.81
CA ASN B 214 15.09 10.13 -15.96
C ASN B 214 14.43 9.72 -17.27
N THR B 215 13.13 10.04 -17.41
CA THR B 215 12.37 9.69 -18.62
C THR B 215 11.82 10.88 -19.39
N LYS B 216 12.15 10.92 -20.68
CA LYS B 216 11.60 11.91 -21.60
C LYS B 216 11.01 11.22 -22.83
N VAL B 217 9.72 11.45 -23.08
CA VAL B 217 9.02 10.81 -24.18
C VAL B 217 8.39 11.89 -25.04
N ASP B 218 8.64 11.82 -26.34
CA ASP B 218 7.98 12.72 -27.29
C ASP B 218 6.94 11.99 -28.13
N LYS B 219 5.68 12.41 -28.02
CA LYS B 219 4.63 11.73 -28.76
C LYS B 219 4.05 12.64 -29.84
N LYS B 220 4.05 12.17 -31.09
CA LYS B 220 3.36 12.91 -32.17
C LYS B 220 1.88 12.55 -32.27
N VAL B 221 0.96 13.53 -32.28
CA VAL B 221 -0.48 13.30 -32.29
C VAL B 221 -1.03 13.52 -33.70
N GLU B 222 -1.66 12.51 -34.26
CA GLU B 222 -2.13 12.58 -35.65
C GLU B 222 -3.61 12.21 -35.77
N PRO B 223 -4.31 12.85 -36.70
CA PRO B 223 -5.68 12.46 -36.99
C PRO B 223 -5.77 10.98 -37.40
N LYS B 224 -6.85 10.31 -37.01
CA LYS B 224 -7.09 8.89 -37.33
C LYS B 224 -7.11 8.65 -38.84
N GLU C 1 9.10 29.11 11.03
CA GLU C 1 10.21 28.12 11.22
C GLU C 1 9.63 26.82 11.76
N VAL C 2 8.61 26.93 12.62
CA VAL C 2 7.91 25.76 13.15
C VAL C 2 7.26 24.91 12.05
N GLN C 3 7.46 23.60 12.06
CA GLN C 3 6.79 22.76 11.09
C GLN C 3 6.41 21.39 11.60
N LEU C 4 5.48 20.75 10.89
CA LEU C 4 5.00 19.42 11.18
C LEU C 4 5.03 18.62 9.87
N VAL C 5 5.28 17.32 9.96
CA VAL C 5 5.35 16.48 8.75
C VAL C 5 4.65 15.16 9.04
N GLU C 6 3.60 14.86 8.29
CA GLU C 6 2.90 13.56 8.34
C GLU C 6 3.59 12.52 7.46
N SER C 7 3.61 11.26 7.90
CA SER C 7 4.11 10.18 7.03
CA SER C 7 4.16 10.15 7.10
C SER C 7 3.20 8.97 7.15
N GLY C 8 3.39 8.03 6.23
CA GLY C 8 2.49 6.90 6.13
C GLY C 8 1.44 7.43 5.21
N GLY C 9 0.40 6.68 4.92
CA GLY C 9 -0.54 7.35 3.98
C GLY C 9 -0.31 6.60 2.70
N GLY C 10 -1.37 6.36 1.94
CA GLY C 10 -1.28 5.59 0.72
C GLY C 10 -2.63 4.94 0.49
N LEU C 11 -2.62 3.83 -0.24
CA LEU C 11 -3.84 3.13 -0.66
C LEU C 11 -4.19 2.03 0.32
N VAL C 12 -5.46 1.97 0.69
CA VAL C 12 -5.93 0.98 1.66
C VAL C 12 -7.20 0.39 1.08
N LYS C 13 -7.37 -0.92 1.23
CA LYS C 13 -8.64 -1.56 0.86
C LYS C 13 -9.66 -1.38 2.00
N ALA C 14 -10.93 -1.18 1.66
CA ALA C 14 -11.95 -1.06 2.72
C ALA C 14 -11.80 -2.22 3.71
N GLY C 15 -11.91 -1.93 5.00
CA GLY C 15 -11.67 -2.97 6.00
C GLY C 15 -10.23 -3.03 6.50
N GLY C 16 -9.31 -2.38 5.80
CA GLY C 16 -7.88 -2.46 6.14
C GLY C 16 -7.47 -1.48 7.24
N SER C 17 -6.20 -1.55 7.65
CA SER C 17 -5.62 -0.65 8.64
C SER C 17 -4.46 0.13 8.04
N LEU C 18 -4.20 1.30 8.58
CA LEU C 18 -3.07 2.11 8.15
C LEU C 18 -2.76 2.99 9.36
N ILE C 19 -1.45 3.17 9.66
CA ILE C 19 -1.04 4.01 10.78
C ILE C 19 -0.27 5.19 10.20
N LEU C 20 -0.54 6.40 10.70
CA LEU C 20 0.12 7.65 10.30
C LEU C 20 0.98 8.10 11.44
N SER C 21 2.04 8.86 11.14
CA SER C 21 2.79 9.51 12.20
C SER C 21 3.03 10.94 11.79
N CYS C 22 3.39 11.75 12.79
CA CYS C 22 3.57 13.17 12.61
C CYS C 22 4.79 13.52 13.45
N GLY C 23 5.84 14.04 12.78
CA GLY C 23 7.05 14.57 13.42
C GLY C 23 7.06 16.11 13.30
N VAL C 24 7.86 16.79 14.12
CA VAL C 24 7.79 18.26 14.14
C VAL C 24 9.17 18.88 14.14
N SER C 25 9.27 20.15 13.78
CA SER C 25 10.54 20.86 13.86
C SER C 25 10.37 22.20 14.53
N ASN C 26 11.35 22.57 15.33
CA ASN C 26 11.44 23.91 15.86
C ASN C 26 10.47 24.22 17.01
N PHE C 27 9.79 23.19 17.50
CA PHE C 27 9.10 23.28 18.79
C PHE C 27 9.04 21.89 19.36
N ARG C 28 8.75 21.79 20.66
CA ARG C 28 8.54 20.50 21.33
C ARG C 28 7.04 20.37 21.50
N ILE C 29 6.49 19.17 21.33
CA ILE C 29 5.03 19.00 21.40
C ILE C 29 4.50 18.92 22.84
N SER C 30 5.38 18.71 23.83
CA SER C 30 4.93 18.32 25.16
CA SER C 30 4.90 18.29 25.13
C SER C 30 3.86 19.25 25.74
N ALA C 31 4.02 20.56 25.53
CA ALA C 31 3.10 21.52 26.12
C ALA C 31 1.77 21.65 25.37
N HIS C 32 1.61 20.96 24.25
CA HIS C 32 0.47 21.16 23.34
C HIS C 32 -0.42 19.94 23.22
N THR C 33 -1.71 20.22 23.15
CA THR C 33 -2.68 19.31 22.62
C THR C 33 -2.43 19.15 21.11
N MET C 34 -2.33 17.91 20.63
CA MET C 34 -2.06 17.68 19.22
C MET C 34 -3.31 17.08 18.58
N ASN C 35 -3.51 17.31 17.27
CA ASN C 35 -4.78 16.99 16.64
C ASN C 35 -4.54 16.40 15.26
N TRP C 36 -5.46 15.58 14.79
CA TRP C 36 -5.49 15.18 13.40
C TRP C 36 -6.75 15.76 12.79
N VAL C 37 -6.63 16.22 11.53
CA VAL C 37 -7.76 16.83 10.84
C VAL C 37 -7.66 16.25 9.44
N ARG C 38 -8.79 16.09 8.75
CA ARG C 38 -8.71 15.64 7.32
C ARG C 38 -9.58 16.51 6.40
N ARG C 39 -9.14 16.60 5.13
CA ARG C 39 -9.86 17.30 4.09
C ARG C 39 -10.38 16.27 3.13
N VAL C 40 -11.70 16.18 3.02
CA VAL C 40 -12.35 15.18 2.20
C VAL C 40 -12.47 15.72 0.78
N PRO C 41 -12.74 14.83 -0.21
CA PRO C 41 -12.72 15.31 -1.60
C PRO C 41 -13.67 16.45 -1.93
N GLY C 42 -14.78 16.58 -1.19
CA GLY C 42 -15.73 17.66 -1.50
C GLY C 42 -15.21 19.01 -1.01
N GLY C 43 -14.09 19.03 -0.27
CA GLY C 43 -13.46 20.30 0.08
C GLY C 43 -13.41 20.73 1.53
N GLY C 44 -14.29 20.19 2.36
CA GLY C 44 -14.36 20.59 3.75
C GLY C 44 -13.36 19.89 4.64
N LEU C 45 -13.09 20.45 5.81
CA LEU C 45 -12.25 19.85 6.79
C LEU C 45 -13.12 19.13 7.82
N GLU C 46 -12.59 18.06 8.39
CA GLU C 46 -13.25 17.32 9.45
C GLU C 46 -12.22 17.11 10.50
N TRP C 47 -12.54 17.53 11.72
CA TRP C 47 -11.70 17.20 12.86
C TRP C 47 -11.80 15.71 13.13
N VAL C 48 -10.65 15.06 13.38
CA VAL C 48 -10.57 13.58 13.51
C VAL C 48 -10.30 13.12 14.94
N ALA C 49 -9.27 13.67 15.56
CA ALA C 49 -8.86 13.22 16.90
C ALA C 49 -8.05 14.30 17.57
N SER C 50 -8.08 14.27 18.90
CA SER C 50 -7.31 15.15 19.73
C SER C 50 -6.66 14.37 20.88
N ILE C 51 -5.46 14.77 21.27
CA ILE C 51 -4.79 14.16 22.40
C ILE C 51 -4.18 15.30 23.23
N SER C 52 -4.57 15.39 24.50
CA SER C 52 -4.14 16.53 25.30
C SER C 52 -2.76 16.27 25.90
N THR C 53 -2.24 17.24 26.66
CA THR C 53 -0.92 17.10 27.26
C THR C 53 -0.89 15.87 28.17
N SER C 54 0.25 15.17 28.20
CA SER C 54 0.43 13.94 28.99
C SER C 54 -0.59 12.84 28.68
N SER C 55 -1.23 12.93 27.50
CA SER C 55 -2.30 12.02 27.07
C SER C 55 -3.41 11.93 28.11
N THR C 56 -3.59 13.01 28.86
CA THR C 56 -4.72 13.04 29.80
C THR C 56 -6.06 12.72 29.12
N TYR C 57 -6.36 13.37 28.00
CA TYR C 57 -7.64 13.18 27.30
C TYR C 57 -7.38 12.79 25.86
N ARG C 58 -8.08 11.78 25.34
CA ARG C 58 -8.06 11.53 23.88
C ARG C 58 -9.50 11.58 23.44
N ASP C 59 -9.77 12.30 22.36
CA ASP C 59 -11.14 12.45 21.84
CA ASP C 59 -11.13 12.46 21.84
C ASP C 59 -11.17 12.21 20.35
N TYR C 60 -12.30 11.70 19.87
CA TYR C 60 -12.45 11.30 18.46
C TYR C 60 -13.75 11.83 17.87
N ALA C 61 -13.76 12.09 16.57
CA ALA C 61 -15.04 12.37 15.89
C ALA C 61 -15.91 11.10 16.00
N ASP C 62 -17.22 11.29 16.09
CA ASP C 62 -18.18 10.17 16.10
C ASP C 62 -17.96 9.19 14.95
N ALA C 63 -17.68 9.71 13.75
CA ALA C 63 -17.46 8.86 12.58
C ALA C 63 -16.26 7.87 12.69
N VAL C 64 -15.30 8.20 13.55
CA VAL C 64 -14.11 7.37 13.71
C VAL C 64 -13.96 6.74 15.10
N LYS C 65 -14.80 7.12 16.06
CA LYS C 65 -14.71 6.62 17.44
C LYS C 65 -14.76 5.09 17.44
N GLY C 66 -13.79 4.45 18.09
CA GLY C 66 -13.83 3.00 18.19
C GLY C 66 -13.05 2.31 17.09
N ARG C 67 -12.69 3.05 16.04
CA ARG C 67 -11.90 2.51 14.92
C ARG C 67 -10.49 3.14 14.87
N PHE C 68 -10.36 4.37 15.40
CA PHE C 68 -9.09 5.15 15.31
C PHE C 68 -8.54 5.31 16.73
N THR C 69 -7.20 5.41 16.86
CA THR C 69 -6.54 5.68 18.14
C THR C 69 -5.49 6.75 17.89
N VAL C 70 -5.44 7.74 18.76
CA VAL C 70 -4.35 8.74 18.68
C VAL C 70 -3.43 8.47 19.88
N SER C 71 -2.11 8.55 19.66
CA SER C 71 -1.12 8.48 20.75
C SER C 71 -0.09 9.58 20.54
N ARG C 72 0.70 9.86 21.58
CA ARG C 72 1.79 10.80 21.47
C ARG C 72 3.06 10.28 22.14
N ASP C 73 4.19 10.86 21.71
CA ASP C 73 5.52 10.52 22.20
C ASP C 73 6.20 11.85 22.45
N ASP C 74 6.14 12.32 23.68
CA ASP C 74 6.72 13.61 24.02
C ASP C 74 8.23 13.63 24.04
N LEU C 75 8.90 12.50 24.14
CA LEU C 75 10.36 12.56 24.29
C LEU C 75 11.03 12.69 22.94
N GLU C 76 10.39 12.16 21.91
CA GLU C 76 10.94 12.27 20.58
C GLU C 76 10.08 13.07 19.64
N ASP C 77 8.99 13.62 20.20
CA ASP C 77 8.11 14.56 19.49
C ASP C 77 7.39 13.98 18.31
N PHE C 78 6.60 12.93 18.55
CA PHE C 78 5.78 12.34 17.49
C PHE C 78 4.36 12.22 17.96
N VAL C 79 3.43 12.18 17.00
CA VAL C 79 2.03 11.88 17.23
C VAL C 79 1.65 10.78 16.24
N TYR C 80 0.84 9.84 16.71
CA TYR C 80 0.42 8.71 15.89
C TYR C 80 -1.09 8.69 15.68
N LEU C 81 -1.50 8.16 14.54
CA LEU C 81 -2.93 7.92 14.32
C LEU C 81 -3.10 6.52 13.75
N GLN C 82 -3.64 5.60 14.56
CA GLN C 82 -4.06 4.31 14.03
C GLN C 82 -5.45 4.40 13.42
N MET C 83 -5.62 3.87 12.21
CA MET C 83 -6.95 3.81 11.58
C MET C 83 -7.24 2.37 11.17
N HIS C 84 -8.34 1.83 11.70
CA HIS C 84 -8.69 0.42 11.50
C HIS C 84 -10.06 0.33 10.87
N LYS C 85 -10.37 -0.81 10.29
CA LYS C 85 -11.67 -1.02 9.64
C LYS C 85 -12.04 0.14 8.78
N MET C 86 -11.13 0.51 7.90
CA MET C 86 -11.28 1.75 7.16
C MET C 86 -12.40 1.68 6.15
N ARG C 87 -12.94 2.85 5.82
CA ARG C 87 -14.13 2.96 4.99
C ARG C 87 -13.82 3.93 3.85
N VAL C 88 -14.51 3.75 2.73
CA VAL C 88 -14.38 4.69 1.61
C VAL C 88 -14.38 6.17 2.05
N GLU C 89 -15.26 6.51 3.00
CA GLU C 89 -15.42 7.87 3.42
C GLU C 89 -14.32 8.37 4.35
N ASP C 90 -13.40 7.47 4.72
CA ASP C 90 -12.16 7.92 5.36
C ASP C 90 -11.16 8.51 4.36
N THR C 91 -11.46 8.43 3.06
CA THR C 91 -10.56 8.93 2.00
C THR C 91 -10.43 10.43 2.16
N ALA C 92 -9.18 10.91 2.26
CA ALA C 92 -8.96 12.30 2.60
C ALA C 92 -7.45 12.62 2.66
N ILE C 93 -7.13 13.92 2.74
CA ILE C 93 -5.77 14.34 3.08
C ILE C 93 -5.81 14.51 4.60
N TYR C 94 -4.86 13.88 5.30
CA TYR C 94 -4.79 13.96 6.77
C TYR C 94 -3.65 14.89 7.18
N TYR C 95 -3.94 15.81 8.12
CA TYR C 95 -2.95 16.74 8.61
C TYR C 95 -2.79 16.56 10.10
N CYS C 96 -1.57 16.70 10.60
CA CYS C 96 -1.51 16.93 12.07
C CYS C 96 -1.40 18.43 12.30
N ALA C 97 -1.95 18.87 13.43
CA ALA C 97 -2.08 20.26 13.76
C ALA C 97 -1.81 20.44 15.24
N ARG C 98 -1.10 21.51 15.54
CA ARG C 98 -0.78 21.86 16.91
C ARG C 98 -1.76 22.90 17.41
N LYS C 99 -2.32 22.69 18.59
CA LYS C 99 -3.20 23.67 19.21
C LYS C 99 -2.37 24.55 20.15
N GLY C 100 -2.48 25.87 20.01
CA GLY C 100 -1.62 26.81 20.77
C GLY C 100 -0.27 27.00 20.11
N SER C 101 0.49 27.99 20.57
CA SER C 101 1.84 28.30 20.04
C SER C 101 2.67 28.82 21.22
N ASP C 102 3.52 29.84 20.99
CA ASP C 102 4.08 30.60 22.11
C ASP C 102 2.96 31.24 22.95
N ARG C 103 1.83 31.51 22.28
CA ARG C 103 0.61 31.98 22.90
C ARG C 103 -0.14 30.70 23.29
N LEU C 104 -0.17 30.43 24.60
CA LEU C 104 -0.65 29.15 25.12
C LEU C 104 -1.65 29.41 26.25
N SER C 105 -2.94 29.30 25.93
CA SER C 105 -4.00 29.62 26.90
C SER C 105 -4.81 28.36 27.14
N ASP C 106 -5.91 28.48 27.89
CA ASP C 106 -6.76 27.32 28.17
C ASP C 106 -7.59 26.83 26.96
N ASN C 107 -7.65 27.61 25.89
CA ASN C 107 -8.32 27.13 24.66
C ASN C 107 -7.87 27.89 23.39
N ASP C 108 -6.94 27.32 22.62
CA ASP C 108 -6.37 28.00 21.46
C ASP C 108 -6.84 27.34 20.17
N PRO C 109 -6.80 28.09 19.05
CA PRO C 109 -7.05 27.55 17.72
C PRO C 109 -5.91 26.63 17.26
N PHE C 110 -5.98 26.15 16.01
CA PHE C 110 -4.95 25.23 15.51
C PHE C 110 -3.95 26.13 14.81
N ASP C 111 -2.92 26.47 15.54
CA ASP C 111 -1.98 27.50 15.09
C ASP C 111 -1.02 27.03 14.01
N ALA C 112 -0.73 25.73 13.96
CA ALA C 112 0.28 25.22 13.01
C ALA C 112 -0.19 23.89 12.40
N TRP C 113 0.07 23.66 11.11
CA TRP C 113 -0.44 22.49 10.39
C TRP C 113 0.69 21.90 9.56
N GLY C 114 0.69 20.58 9.39
CA GLY C 114 1.59 19.93 8.44
C GLY C 114 0.98 20.02 7.05
N PRO C 115 1.74 19.65 6.01
CA PRO C 115 1.26 19.77 4.62
C PRO C 115 0.21 18.73 4.21
N GLY C 116 0.07 17.68 5.02
CA GLY C 116 -0.95 16.63 4.77
C GLY C 116 -0.37 15.40 4.07
N THR C 117 -0.94 14.24 4.37
CA THR C 117 -0.62 12.99 3.66
C THR C 117 -1.92 12.39 3.13
N VAL C 118 -1.87 11.92 1.88
CA VAL C 118 -3.07 11.44 1.20
C VAL C 118 -3.33 10.00 1.57
N VAL C 119 -4.57 9.75 1.97
CA VAL C 119 -5.04 8.41 2.29
C VAL C 119 -6.23 8.07 1.38
N THR C 120 -6.12 6.98 0.64
CA THR C 120 -7.21 6.60 -0.22
C THR C 120 -7.69 5.19 0.11
N VAL C 121 -8.98 5.06 0.39
CA VAL C 121 -9.57 3.75 0.69
C VAL C 121 -10.42 3.33 -0.47
N SER C 122 -10.04 2.20 -1.08
CA SER C 122 -10.77 1.63 -2.20
CA SER C 122 -10.77 1.63 -2.20
C SER C 122 -12.00 0.86 -1.72
N PRO C 123 -13.09 0.88 -2.51
CA PRO C 123 -14.35 0.41 -2.00
C PRO C 123 -14.49 -1.08 -1.88
N ALA C 124 -13.67 -1.83 -2.62
CA ALA C 124 -13.78 -3.28 -2.61
C ALA C 124 -12.91 -3.84 -1.49
N SER C 125 -13.49 -4.55 -0.53
CA SER C 125 -12.65 -5.20 0.45
C SER C 125 -12.01 -6.51 -0.11
N THR C 126 -12.54 -7.01 -1.22
CA THR C 126 -12.17 -8.34 -1.72
C THR C 126 -12.18 -8.40 -3.24
N LYS C 127 -11.67 -9.49 -3.79
CA LYS C 127 -11.60 -9.63 -5.23
C LYS C 127 -11.30 -11.07 -5.59
N GLY C 128 -12.11 -11.62 -6.51
CA GLY C 128 -12.00 -13.03 -6.88
C GLY C 128 -10.94 -13.28 -7.91
N PRO C 129 -10.39 -14.52 -7.92
CA PRO C 129 -9.28 -14.78 -8.82
C PRO C 129 -9.73 -15.12 -10.24
N SER C 130 -8.82 -14.87 -11.18
CA SER C 130 -8.91 -15.41 -12.51
C SER C 130 -8.18 -16.75 -12.49
N VAL C 131 -8.76 -17.78 -13.12
CA VAL C 131 -8.13 -19.10 -13.13
C VAL C 131 -7.72 -19.46 -14.57
N PHE C 132 -6.48 -19.91 -14.76
CA PHE C 132 -5.97 -20.23 -16.10
C PHE C 132 -5.41 -21.64 -16.08
N PRO C 133 -5.66 -22.43 -17.12
CA PRO C 133 -5.21 -23.81 -17.03
C PRO C 133 -3.69 -23.88 -17.17
N LEU C 134 -3.09 -24.87 -16.53
CA LEU C 134 -1.69 -25.13 -16.72
C LEU C 134 -1.68 -26.43 -17.50
N ALA C 135 -1.55 -26.30 -18.82
CA ALA C 135 -1.85 -27.41 -19.72
C ALA C 135 -0.71 -28.39 -19.84
N PRO C 136 -1.02 -29.69 -19.59
CA PRO C 136 -0.13 -30.84 -19.74
C PRO C 136 0.50 -30.90 -21.12
N SER C 137 1.80 -31.18 -21.18
CA SER C 137 2.48 -31.49 -22.44
C SER C 137 2.18 -30.46 -23.55
N GLY C 144 5.59 -41.71 -19.05
CA GLY C 144 5.49 -42.08 -17.65
C GLY C 144 4.38 -41.30 -16.96
N THR C 145 4.75 -40.18 -16.33
CA THR C 145 3.80 -39.35 -15.62
C THR C 145 3.75 -37.92 -16.20
N ALA C 146 2.56 -37.33 -16.16
CA ALA C 146 2.33 -35.97 -16.68
C ALA C 146 1.93 -35.03 -15.58
N ALA C 147 2.28 -33.75 -15.73
CA ALA C 147 1.84 -32.75 -14.78
C ALA C 147 0.82 -31.81 -15.41
N LEU C 148 -0.15 -31.38 -14.62
CA LEU C 148 -1.04 -30.30 -15.04
C LEU C 148 -1.49 -29.55 -13.81
N GLY C 149 -2.31 -28.53 -13.99
CA GLY C 149 -2.57 -27.60 -12.90
C GLY C 149 -3.36 -26.35 -13.27
N CYS C 150 -3.60 -25.51 -12.26
CA CYS C 150 -4.40 -24.32 -12.44
C CYS C 150 -3.64 -23.17 -11.81
N LEU C 151 -3.54 -22.06 -12.56
CA LEU C 151 -2.95 -20.82 -12.07
C LEU C 151 -4.08 -19.93 -11.57
N VAL C 152 -4.00 -19.57 -10.30
CA VAL C 152 -5.08 -18.86 -9.63
C VAL C 152 -4.54 -17.47 -9.27
N LYS C 153 -4.97 -16.50 -10.07
CA LYS C 153 -4.35 -15.19 -10.18
C LYS C 153 -5.23 -14.06 -9.63
N ASP C 154 -4.58 -13.08 -8.98
CA ASP C 154 -5.18 -11.78 -8.73
C ASP C 154 -6.44 -11.82 -7.85
N TYR C 155 -6.32 -12.36 -6.65
CA TYR C 155 -7.44 -12.32 -5.71
C TYR C 155 -7.00 -11.63 -4.43
N PHE C 156 -7.95 -11.29 -3.57
CA PHE C 156 -7.62 -10.68 -2.30
C PHE C 156 -8.86 -10.72 -1.41
N PRO C 157 -8.68 -10.97 -0.11
CA PRO C 157 -7.44 -11.32 0.54
C PRO C 157 -7.29 -12.83 0.53
N GLU C 158 -6.25 -13.35 1.18
CA GLU C 158 -6.12 -14.80 1.35
C GLU C 158 -7.28 -15.32 2.21
N PRO C 159 -7.67 -16.61 2.07
CA PRO C 159 -7.13 -17.66 1.22
C PRO C 159 -8.02 -18.12 0.09
N VAL C 160 -7.44 -18.94 -0.77
CA VAL C 160 -8.16 -19.57 -1.85
C VAL C 160 -7.90 -21.05 -1.64
N THR C 161 -8.87 -21.86 -2.08
CA THR C 161 -8.90 -23.29 -1.84
C THR C 161 -8.95 -23.94 -3.20
N VAL C 162 -8.13 -24.97 -3.43
CA VAL C 162 -8.21 -25.71 -4.68
C VAL C 162 -8.40 -27.21 -4.45
N SER C 163 -9.63 -27.76 -4.80
CA SER C 163 -9.65 -29.22 -4.95
C SER C 163 -9.60 -29.67 -6.43
N TRP C 164 -9.60 -31.00 -6.65
CA TRP C 164 -9.49 -31.56 -7.99
C TRP C 164 -10.57 -32.64 -8.20
N ASN C 165 -11.28 -32.52 -9.45
CA ASN C 165 -12.39 -33.45 -9.67
C ASN C 165 -13.20 -33.60 -8.41
N SER C 166 -13.59 -32.43 -7.90
CA SER C 166 -14.43 -32.31 -6.71
C SER C 166 -13.98 -33.17 -5.52
N GLY C 167 -12.66 -33.33 -5.37
CA GLY C 167 -12.09 -33.95 -4.18
C GLY C 167 -11.77 -35.42 -4.33
N ALA C 168 -12.22 -36.00 -5.43
CA ALA C 168 -11.96 -37.40 -5.72
C ALA C 168 -10.47 -37.61 -5.91
N LEU C 169 -9.79 -36.60 -6.44
CA LEU C 169 -8.36 -36.71 -6.74
C LEU C 169 -7.54 -35.92 -5.71
N THR C 170 -6.71 -36.63 -4.94
CA THR C 170 -5.96 -36.02 -3.84
C THR C 170 -4.50 -36.43 -3.93
N SER C 171 -4.28 -37.62 -4.48
CA SER C 171 -2.95 -38.13 -4.62
C SER C 171 -2.16 -37.36 -5.69
N GLY C 172 -0.93 -36.94 -5.36
CA GLY C 172 -0.05 -36.28 -6.31
C GLY C 172 -0.41 -34.82 -6.46
N VAL C 173 -1.25 -34.24 -5.68
CA VAL C 173 -1.64 -32.83 -5.67
C VAL C 173 -0.74 -31.99 -4.78
N HIS C 174 -0.24 -30.88 -5.34
CA HIS C 174 0.47 -29.87 -4.54
CA HIS C 174 0.45 -29.88 -4.53
C HIS C 174 -0.14 -28.51 -4.82
N THR C 175 -0.58 -27.82 -3.77
CA THR C 175 -1.10 -26.47 -3.91
C THR C 175 -0.12 -25.56 -3.16
N PHE C 176 0.48 -24.64 -3.90
CA PHE C 176 1.60 -23.87 -3.35
C PHE C 176 1.10 -22.74 -2.47
N PRO C 177 1.97 -22.25 -1.56
CA PRO C 177 1.71 -21.03 -0.82
C PRO C 177 1.42 -19.86 -1.79
N ALA C 178 0.49 -18.99 -1.43
CA ALA C 178 0.21 -17.82 -2.25
C ALA C 178 1.40 -16.87 -2.21
N VAL C 179 1.57 -16.15 -3.31
CA VAL C 179 2.67 -15.21 -3.45
C VAL C 179 1.97 -13.85 -3.57
N LEU C 180 2.46 -12.84 -2.87
CA LEU C 180 1.86 -11.51 -3.01
C LEU C 180 2.58 -10.81 -4.14
N GLN C 181 1.84 -10.39 -5.15
CA GLN C 181 2.42 -9.75 -6.32
C GLN C 181 2.65 -8.28 -6.05
N SER C 182 3.56 -7.68 -6.80
CA SER C 182 3.88 -6.28 -6.54
C SER C 182 2.69 -5.37 -6.83
N SER C 183 1.63 -5.94 -7.35
CA SER C 183 0.37 -5.22 -7.54
C SER C 183 -0.51 -5.24 -6.30
N GLY C 184 -0.14 -6.02 -5.28
CA GLY C 184 -0.96 -6.09 -4.07
C GLY C 184 -2.00 -7.20 -4.09
N LEU C 185 -2.00 -7.99 -5.16
CA LEU C 185 -2.94 -9.10 -5.26
C LEU C 185 -2.16 -10.41 -5.11
N TYR C 186 -2.85 -11.44 -4.61
CA TYR C 186 -2.22 -12.72 -4.32
C TYR C 186 -2.34 -13.60 -5.58
N SER C 187 -1.50 -14.62 -5.66
CA SER C 187 -1.55 -15.55 -6.77
C SER C 187 -1.03 -16.89 -6.23
N LEU C 188 -1.64 -18.01 -6.61
CA LEU C 188 -1.01 -19.30 -6.34
C LEU C 188 -1.23 -20.25 -7.49
N SER C 189 -0.48 -21.34 -7.50
CA SER C 189 -0.70 -22.41 -8.46
C SER C 189 -0.99 -23.70 -7.68
N SER C 190 -1.80 -24.57 -8.28
CA SER C 190 -2.04 -25.89 -7.75
C SER C 190 -1.71 -26.85 -8.88
N VAL C 191 -0.97 -27.92 -8.58
CA VAL C 191 -0.59 -28.83 -9.65
C VAL C 191 -0.93 -30.25 -9.25
N VAL C 192 -1.00 -31.16 -10.22
CA VAL C 192 -1.12 -32.59 -9.90
C VAL C 192 -0.42 -33.37 -11.00
N THR C 193 0.23 -34.47 -10.63
CA THR C 193 0.84 -35.38 -11.62
C THR C 193 -0.06 -36.59 -11.77
N VAL C 194 -0.27 -37.01 -13.01
CA VAL C 194 -1.18 -38.12 -13.32
C VAL C 194 -0.50 -39.07 -14.31
N PRO C 195 -1.01 -40.30 -14.45
CA PRO C 195 -0.43 -41.14 -15.50
C PRO C 195 -0.65 -40.44 -16.84
N SER C 196 0.37 -40.38 -17.69
CA SER C 196 0.20 -39.62 -18.92
C SER C 196 -0.73 -40.36 -19.90
N SER C 197 -0.85 -41.67 -19.72
CA SER C 197 -1.79 -42.46 -20.52
C SER C 197 -3.24 -42.07 -20.24
N SER C 198 -3.51 -41.56 -19.05
CA SER C 198 -4.87 -41.18 -18.64
C SER C 198 -5.42 -39.90 -19.29
N LEU C 199 -4.57 -39.19 -20.04
CA LEU C 199 -4.87 -37.83 -20.51
C LEU C 199 -5.95 -37.72 -21.61
N GLY C 200 -5.85 -38.55 -22.63
CA GLY C 200 -6.86 -38.54 -23.69
C GLY C 200 -8.12 -39.27 -23.27
N THR C 201 -8.28 -39.50 -21.97
CA THR C 201 -9.47 -40.16 -21.45
C THR C 201 -10.12 -39.29 -20.38
N GLN C 202 -9.37 -39.27 -19.26
CA GLN C 202 -9.79 -38.85 -17.94
C GLN C 202 -9.82 -37.33 -17.88
N THR C 203 -10.92 -36.70 -17.54
CA THR C 203 -11.04 -35.23 -17.46
C THR C 203 -10.53 -34.72 -16.10
N TYR C 204 -9.86 -33.57 -16.13
CA TYR C 204 -9.33 -32.98 -14.91
C TYR C 204 -9.97 -31.58 -14.74
N ILE C 205 -10.58 -31.36 -13.58
CA ILE C 205 -11.19 -30.05 -13.26
C ILE C 205 -10.70 -29.58 -11.87
N CYS C 206 -10.09 -28.39 -11.78
CA CYS C 206 -9.74 -27.83 -10.47
C CYS C 206 -10.92 -27.04 -9.99
N ASN C 207 -11.28 -27.21 -8.72
CA ASN C 207 -12.38 -26.50 -8.13
C ASN C 207 -11.79 -25.41 -7.23
N VAL C 208 -11.88 -24.18 -7.70
CA VAL C 208 -11.26 -23.06 -7.01
C VAL C 208 -12.32 -22.32 -6.21
N ASN C 209 -12.12 -22.23 -4.91
CA ASN C 209 -13.07 -21.54 -4.04
C ASN C 209 -12.39 -20.34 -3.35
N HIS C 210 -13.05 -19.17 -3.39
CA HIS C 210 -12.59 -17.99 -2.68
C HIS C 210 -13.75 -17.42 -1.86
N LYS C 211 -13.86 -17.87 -0.60
CA LYS C 211 -15.00 -17.48 0.24
C LYS C 211 -15.19 -15.96 0.46
N PRO C 212 -14.08 -15.20 0.67
CA PRO C 212 -14.20 -13.76 0.92
C PRO C 212 -15.03 -13.05 -0.14
N SER C 213 -14.82 -13.42 -1.40
CA SER C 213 -15.58 -12.85 -2.51
C SER C 213 -16.76 -13.73 -2.95
N ASN C 214 -17.09 -14.76 -2.15
CA ASN C 214 -18.12 -15.74 -2.50
C ASN C 214 -17.95 -16.27 -3.92
N THR C 215 -16.71 -16.54 -4.33
CA THR C 215 -16.42 -16.87 -5.72
C THR C 215 -16.01 -18.33 -5.87
N LYS C 216 -16.73 -19.06 -6.73
CA LYS C 216 -16.35 -20.45 -7.05
C LYS C 216 -16.11 -20.65 -8.55
N VAL C 217 -14.91 -21.08 -8.92
CA VAL C 217 -14.56 -21.29 -10.33
C VAL C 217 -14.10 -22.73 -10.59
N ASP C 218 -14.69 -23.38 -11.60
CA ASP C 218 -14.23 -24.71 -11.99
C ASP C 218 -13.59 -24.63 -13.37
N LYS C 219 -12.31 -24.98 -13.50
CA LYS C 219 -11.64 -24.92 -14.80
C LYS C 219 -11.18 -26.31 -15.26
N LYS C 220 -11.67 -26.73 -16.42
CA LYS C 220 -11.25 -27.96 -17.07
C LYS C 220 -9.89 -27.74 -17.73
N VAL C 221 -8.89 -28.53 -17.43
CA VAL C 221 -7.54 -28.37 -17.93
C VAL C 221 -7.31 -29.53 -18.87
N GLU C 222 -7.04 -29.23 -20.13
CA GLU C 222 -6.84 -30.27 -21.11
C GLU C 222 -5.68 -29.93 -22.02
N PRO C 223 -5.12 -30.96 -22.70
CA PRO C 223 -4.07 -30.70 -23.68
C PRO C 223 -4.67 -30.10 -24.96
N ALA D 1 -21.88 17.92 19.62
CA ALA D 1 -23.26 18.30 19.22
C ALA D 1 -23.32 19.68 18.55
N VAL D 2 -22.25 20.51 18.65
CA VAL D 2 -22.20 21.74 17.86
C VAL D 2 -22.05 21.38 16.38
N VAL D 3 -22.92 21.93 15.54
CA VAL D 3 -22.80 21.89 14.10
C VAL D 3 -22.61 23.33 13.59
N MET D 4 -21.60 23.56 12.75
CA MET D 4 -21.34 24.86 12.15
C MET D 4 -21.85 24.86 10.72
N THR D 5 -22.68 25.85 10.36
CA THR D 5 -23.15 25.98 8.99
C THR D 5 -22.58 27.24 8.33
N GLN D 6 -21.84 27.01 7.26
CA GLN D 6 -21.11 28.03 6.63
C GLN D 6 -21.84 28.35 5.31
N SER D 7 -21.88 29.62 4.93
CA SER D 7 -22.44 30.00 3.66
C SER D 7 -21.87 31.32 3.11
N PRO D 8 -21.86 31.47 1.77
CA PRO D 8 -22.33 30.47 0.80
C PRO D 8 -21.23 29.39 0.58
N SER D 9 -21.53 28.30 -0.11
CA SER D 9 -20.48 27.35 -0.34
C SER D 9 -19.53 27.85 -1.44
N THR D 10 -20.03 28.61 -2.40
CA THR D 10 -19.15 29.27 -3.40
C THR D 10 -19.54 30.75 -3.47
N LEU D 11 -18.53 31.62 -3.38
CA LEU D 11 -18.72 33.07 -3.45
C LEU D 11 -17.90 33.55 -4.65
N SER D 12 -18.58 34.10 -5.65
CA SER D 12 -17.96 34.63 -6.86
C SER D 12 -17.89 36.15 -6.77
N ALA D 13 -16.69 36.69 -6.95
CA ALA D 13 -16.54 38.14 -6.80
C ALA D 13 -15.46 38.69 -7.73
N SER D 14 -15.31 40.02 -7.72
CA SER D 14 -14.26 40.68 -8.49
C SER D 14 -13.13 41.14 -7.57
N VAL D 15 -11.91 41.21 -8.11
CA VAL D 15 -10.80 41.86 -7.40
C VAL D 15 -11.24 43.23 -6.93
N GLY D 16 -10.94 43.53 -5.67
CA GLY D 16 -11.21 44.83 -5.10
C GLY D 16 -12.48 44.83 -4.29
N ASP D 17 -13.28 43.78 -4.39
CA ASP D 17 -14.57 43.76 -3.68
C ASP D 17 -14.41 43.59 -2.16
N THR D 18 -15.44 44.04 -1.43
CA THR D 18 -15.61 43.66 -0.02
C THR D 18 -16.66 42.55 0.02
N ILE D 19 -16.31 41.39 0.58
CA ILE D 19 -17.19 40.25 0.65
C ILE D 19 -17.34 39.76 2.08
N THR D 20 -18.46 39.11 2.38
CA THR D 20 -18.62 38.49 3.67
C THR D 20 -18.98 37.01 3.57
N ILE D 21 -18.43 36.24 4.50
CA ILE D 21 -18.70 34.82 4.59
C ILE D 21 -19.29 34.62 5.96
N THR D 22 -20.40 33.90 6.04
CA THR D 22 -21.09 33.70 7.32
CA THR D 22 -21.04 33.70 7.34
C THR D 22 -20.90 32.27 7.87
N CYS D 23 -20.91 32.16 9.19
CA CYS D 23 -20.85 30.88 9.86
C CYS D 23 -21.87 30.92 11.02
N ARG D 24 -22.85 30.01 11.04
CA ARG D 24 -23.75 29.91 12.17
C ARG D 24 -23.53 28.65 12.98
N ALA D 25 -23.57 28.79 14.30
CA ALA D 25 -23.44 27.62 15.17
C ALA D 25 -24.80 27.17 15.64
N SER D 26 -24.99 25.85 15.75
CA SER D 26 -26.30 25.33 16.20
C SER D 26 -26.64 25.69 17.66
N GLN D 27 -25.65 26.17 18.40
CA GLN D 27 -25.86 26.62 19.78
C GLN D 27 -24.74 27.59 20.19
N SER D 28 -25.02 28.44 21.16
CA SER D 28 -24.04 29.46 21.47
C SER D 28 -22.67 28.83 21.68
N ILE D 29 -21.65 29.46 21.11
CA ILE D 29 -20.27 29.05 21.33
C ILE D 29 -19.42 30.25 21.77
N GLU D 30 -20.10 31.28 22.27
CA GLU D 30 -19.41 32.50 22.72
C GLU D 30 -18.60 33.08 21.60
N THR D 31 -17.29 33.21 21.78
CA THR D 31 -16.42 33.66 20.66
C THR D 31 -15.36 32.62 20.33
N TRP D 32 -15.59 31.38 20.73
CA TRP D 32 -14.63 30.30 20.40
C TRP D 32 -14.70 29.90 18.93
N LEU D 33 -14.31 30.80 18.05
CA LEU D 33 -14.44 30.57 16.60
C LEU D 33 -13.19 31.07 15.87
N ALA D 34 -12.67 30.26 14.94
CA ALA D 34 -11.52 30.61 14.13
C ALA D 34 -11.84 30.50 12.64
N TRP D 35 -11.12 31.29 11.83
CA TRP D 35 -11.19 31.26 10.38
C TRP D 35 -9.84 30.88 9.79
N TYR D 36 -9.84 29.98 8.79
CA TYR D 36 -8.62 29.49 8.15
C TYR D 36 -8.76 29.76 6.66
N GLN D 37 -7.64 30.06 6.00
CA GLN D 37 -7.61 30.10 4.54
C GLN D 37 -6.92 28.82 4.06
N GLN D 38 -7.33 28.29 2.92
CA GLN D 38 -6.62 27.15 2.36
C GLN D 38 -6.58 27.19 0.84
N LYS D 39 -5.40 27.04 0.25
CA LYS D 39 -5.31 26.93 -1.20
C LYS D 39 -5.25 25.46 -1.57
N PRO D 40 -5.61 25.12 -2.82
CA PRO D 40 -5.59 23.70 -3.26
C PRO D 40 -4.23 23.04 -3.09
N GLY D 41 -4.20 21.88 -2.43
CA GLY D 41 -2.96 21.13 -2.26
C GLY D 41 -2.05 21.66 -1.17
N LYS D 42 -2.50 22.64 -0.41
CA LYS D 42 -1.69 23.26 0.64
C LYS D 42 -2.30 23.07 2.01
N ALA D 43 -1.51 23.34 3.04
CA ALA D 43 -1.98 23.33 4.44
C ALA D 43 -2.95 24.49 4.73
N PRO D 44 -3.99 24.25 5.57
CA PRO D 44 -4.75 25.42 6.01
C PRO D 44 -3.84 26.41 6.77
N LYS D 45 -4.24 27.69 6.74
CA LYS D 45 -3.54 28.74 7.44
CA LYS D 45 -3.54 28.74 7.46
C LYS D 45 -4.51 29.48 8.35
N LEU D 46 -4.18 29.61 9.63
CA LEU D 46 -5.01 30.34 10.59
C LEU D 46 -4.98 31.86 10.33
N LEU D 47 -6.16 32.47 10.22
CA LEU D 47 -6.27 33.91 9.98
C LEU D 47 -6.70 34.65 11.23
N ILE D 48 -7.82 34.20 11.80
CA ILE D 48 -8.51 34.92 12.88
C ILE D 48 -8.95 33.88 13.90
N TYR D 49 -8.84 34.21 15.19
CA TYR D 49 -9.34 33.31 16.23
C TYR D 49 -10.04 34.14 17.32
N LYS D 50 -10.65 33.48 18.29
CA LYS D 50 -11.50 34.20 19.23
C LYS D 50 -12.51 35.13 18.51
N ALA D 51 -13.01 34.66 17.36
CA ALA D 51 -13.94 35.40 16.48
C ALA D 51 -13.37 36.65 15.78
N SER D 52 -12.59 37.45 16.49
CA SER D 52 -12.19 38.75 15.92
C SER D 52 -10.67 39.09 15.99
N THR D 53 -9.84 38.21 16.56
CA THR D 53 -8.41 38.51 16.74
C THR D 53 -7.60 38.03 15.53
N LEU D 54 -6.86 38.94 14.90
CA LEU D 54 -6.00 38.53 13.79
C LEU D 54 -4.71 37.92 14.24
N LYS D 55 -4.28 36.81 13.62
CA LYS D 55 -2.92 36.31 13.85
C LYS D 55 -1.88 37.32 13.36
N THR D 56 -0.78 37.40 14.08
CA THR D 56 0.33 38.27 13.67
C THR D 56 0.63 38.03 12.19
N GLY D 57 0.81 39.09 11.44
CA GLY D 57 1.25 38.92 10.07
C GLY D 57 0.10 38.80 9.08
N VAL D 58 -1.12 38.49 9.54
CA VAL D 58 -2.30 38.52 8.65
C VAL D 58 -2.67 39.95 8.20
N PRO D 59 -2.91 40.16 6.89
CA PRO D 59 -3.20 41.51 6.36
C PRO D 59 -4.47 42.10 6.96
N SER D 60 -4.52 43.42 7.10
CA SER D 60 -5.60 44.04 7.85
C SER D 60 -6.95 44.08 7.06
N ARG D 61 -6.91 43.69 5.79
CA ARG D 61 -8.13 43.57 5.02
C ARG D 61 -9.03 42.43 5.50
N PHE D 62 -8.46 41.48 6.26
CA PHE D 62 -9.24 40.42 6.91
C PHE D 62 -9.79 40.88 8.28
N SER D 63 -11.08 40.75 8.54
CA SER D 63 -11.59 41.01 9.89
C SER D 63 -12.73 40.03 10.21
N GLY D 64 -12.97 39.80 11.50
CA GLY D 64 -14.02 38.86 11.89
C GLY D 64 -14.90 39.50 12.91
N SER D 65 -16.17 39.11 12.99
CA SER D 65 -17.06 39.61 14.04
C SER D 65 -18.07 38.55 14.45
N GLY D 66 -18.78 38.77 15.55
CA GLY D 66 -19.78 37.81 15.98
C GLY D 66 -19.55 37.27 17.35
N SER D 67 -20.62 36.78 17.98
CA SER D 67 -20.51 36.01 19.23
C SER D 67 -21.84 35.27 19.36
N GLY D 68 -21.84 34.20 20.15
CA GLY D 68 -23.04 33.41 20.33
C GLY D 68 -23.15 32.42 19.20
N THR D 69 -24.03 32.73 18.24
CA THR D 69 -24.36 31.78 17.18
C THR D 69 -24.09 32.24 15.75
N GLU D 70 -23.78 33.51 15.57
CA GLU D 70 -23.56 34.02 14.19
C GLU D 70 -22.25 34.78 14.04
N PHE D 71 -21.44 34.36 13.06
CA PHE D 71 -20.09 34.86 12.87
C PHE D 71 -19.91 35.23 11.42
N THR D 72 -19.03 36.21 11.16
CA THR D 72 -18.80 36.72 9.81
CA THR D 72 -18.78 36.67 9.80
C THR D 72 -17.31 36.99 9.63
N LEU D 73 -16.77 36.54 8.50
CA LEU D 73 -15.44 36.85 8.02
C LEU D 73 -15.65 37.92 6.91
N THR D 74 -14.98 39.05 7.04
CA THR D 74 -15.08 40.07 6.00
C THR D 74 -13.71 40.28 5.39
N ILE D 75 -13.67 40.28 4.06
CA ILE D 75 -12.41 40.61 3.39
C ILE D 75 -12.67 41.89 2.62
N SER D 76 -12.03 42.97 3.07
CA SER D 76 -12.36 44.29 2.54
C SER D 76 -11.39 44.70 1.47
N GLY D 77 -11.65 44.31 0.23
CA GLY D 77 -10.78 44.60 -0.90
C GLY D 77 -10.01 43.39 -1.38
N LEU D 78 -10.70 42.45 -2.01
CA LEU D 78 -10.07 41.21 -2.42
C LEU D 78 -8.85 41.45 -3.28
N GLN D 79 -7.76 40.74 -3.00
CA GLN D 79 -6.58 40.72 -3.89
C GLN D 79 -6.47 39.37 -4.57
N PHE D 80 -5.65 39.26 -5.62
CA PHE D 80 -5.60 37.98 -6.36
C PHE D 80 -5.26 36.81 -5.44
N ASP D 81 -4.40 37.10 -4.44
CA ASP D 81 -3.96 36.08 -3.49
C ASP D 81 -5.08 35.56 -2.59
N ASP D 82 -6.20 36.27 -2.52
CA ASP D 82 -7.27 35.91 -1.58
C ASP D 82 -8.29 34.95 -2.17
N PHE D 83 -8.16 34.63 -3.44
CA PHE D 83 -9.08 33.65 -4.02
C PHE D 83 -8.65 32.25 -3.58
N ALA D 84 -9.44 31.63 -2.69
CA ALA D 84 -9.01 30.51 -1.89
C ALA D 84 -10.27 29.92 -1.27
N THR D 85 -10.15 28.85 -0.49
CA THR D 85 -11.30 28.39 0.34
C THR D 85 -11.06 28.95 1.75
N TYR D 86 -12.14 29.25 2.45
CA TYR D 86 -12.09 29.77 3.82
C TYR D 86 -12.94 28.84 4.65
N HIS D 87 -12.45 28.46 5.84
CA HIS D 87 -13.14 27.46 6.66
C HIS D 87 -13.41 28.08 8.03
N CYS D 88 -14.63 28.00 8.55
CA CYS D 88 -14.78 28.35 9.97
C CYS D 88 -14.60 27.09 10.86
N GLN D 89 -14.27 27.33 12.13
CA GLN D 89 -14.05 26.24 13.05
C GLN D 89 -14.48 26.65 14.46
N HIS D 90 -15.32 25.84 15.09
CA HIS D 90 -15.55 26.02 16.53
C HIS D 90 -14.54 25.14 17.23
N TYR D 91 -13.80 25.66 18.20
CA TYR D 91 -12.81 24.87 18.94
C TYR D 91 -13.07 24.90 20.45
N ALA D 92 -13.01 23.72 21.08
CA ALA D 92 -13.07 23.53 22.54
C ALA D 92 -11.72 22.97 23.00
N GLY D 93 -11.58 22.76 24.30
CA GLY D 93 -10.34 22.26 24.85
C GLY D 93 -9.84 21.01 24.15
N TYR D 94 -10.75 20.06 23.87
CA TYR D 94 -10.28 18.77 23.36
C TYR D 94 -11.01 18.26 22.12
N SER D 95 -11.66 19.16 21.41
CA SER D 95 -12.34 18.76 20.19
C SER D 95 -12.68 20.00 19.42
N ALA D 96 -13.08 19.81 18.15
CA ALA D 96 -13.42 20.95 17.33
C ALA D 96 -14.37 20.49 16.27
N THR D 97 -14.97 21.44 15.58
CA THR D 97 -15.77 21.08 14.42
C THR D 97 -15.70 22.22 13.37
N PHE D 98 -15.77 21.85 12.09
CA PHE D 98 -15.64 22.82 11.01
C PHE D 98 -16.92 23.04 10.22
N GLY D 99 -17.05 24.24 9.65
CA GLY D 99 -18.05 24.46 8.61
C GLY D 99 -17.64 23.74 7.32
N GLN D 100 -18.49 23.79 6.29
CA GLN D 100 -18.25 23.06 5.05
CA GLN D 100 -18.29 23.10 5.00
C GLN D 100 -17.22 23.73 4.12
N GLY D 101 -16.79 24.95 4.46
CA GLY D 101 -15.84 25.70 3.64
C GLY D 101 -16.56 26.55 2.60
N THR D 102 -15.99 27.72 2.31
CA THR D 102 -16.49 28.59 1.23
C THR D 102 -15.38 28.80 0.20
N ARG D 103 -15.61 28.41 -1.04
CA ARG D 103 -14.61 28.67 -2.07
C ARG D 103 -14.86 30.06 -2.69
N VAL D 104 -13.88 30.96 -2.62
CA VAL D 104 -14.05 32.31 -3.18
C VAL D 104 -13.33 32.31 -4.54
N GLU D 105 -14.07 32.61 -5.63
CA GLU D 105 -13.52 32.53 -6.96
C GLU D 105 -13.75 33.81 -7.71
N ILE D 106 -13.06 34.00 -8.82
CA ILE D 106 -13.29 35.19 -9.65
C ILE D 106 -14.55 35.06 -10.50
N LYS D 107 -15.43 36.08 -10.44
CA LYS D 107 -16.68 36.06 -11.19
C LYS D 107 -16.45 36.44 -12.64
N ARG D 108 -17.16 35.78 -13.55
CA ARG D 108 -17.15 36.12 -15.00
C ARG D 108 -18.48 35.67 -15.53
N THR D 109 -18.73 35.85 -16.83
CA THR D 109 -20.02 35.41 -17.35
C THR D 109 -20.09 33.87 -17.51
N VAL D 110 -21.30 33.32 -17.53
CA VAL D 110 -21.51 31.91 -17.83
C VAL D 110 -20.90 31.55 -19.17
N ALA D 111 -20.16 30.44 -19.23
CA ALA D 111 -19.53 30.02 -20.49
C ALA D 111 -19.73 28.50 -20.59
N ALA D 112 -20.40 28.04 -21.65
CA ALA D 112 -20.62 26.61 -21.83
C ALA D 112 -19.31 25.91 -22.15
N PRO D 113 -19.16 24.66 -21.73
CA PRO D 113 -17.94 23.98 -22.15
C PRO D 113 -17.97 23.65 -23.64
N SER D 114 -16.81 23.65 -24.30
CA SER D 114 -16.66 22.87 -25.54
C SER D 114 -16.32 21.42 -25.16
N VAL D 115 -17.04 20.45 -25.73
CA VAL D 115 -16.91 19.06 -25.29
C VAL D 115 -16.31 18.16 -26.36
N PHE D 116 -15.33 17.36 -25.99
CA PHE D 116 -14.68 16.44 -26.94
C PHE D 116 -14.55 15.05 -26.31
N ILE D 117 -14.74 14.01 -27.10
CA ILE D 117 -14.48 12.64 -26.64
C ILE D 117 -13.34 12.01 -27.44
N PHE D 118 -12.51 11.21 -26.77
CA PHE D 118 -11.40 10.51 -27.41
C PHE D 118 -11.44 8.99 -27.13
N PRO D 119 -11.50 8.19 -28.20
CA PRO D 119 -11.42 6.74 -28.07
C PRO D 119 -10.00 6.34 -27.65
N PRO D 120 -9.85 5.15 -27.06
CA PRO D 120 -8.55 4.56 -26.70
C PRO D 120 -7.69 4.33 -27.94
N SER D 121 -6.36 4.47 -27.80
CA SER D 121 -5.49 4.24 -28.94
C SER D 121 -5.41 2.74 -29.25
N ASP D 122 -5.19 2.44 -30.52
CA ASP D 122 -4.85 1.09 -30.92
C ASP D 122 -3.70 0.53 -30.08
N GLU D 123 -2.72 1.37 -29.80
CA GLU D 123 -1.53 0.87 -29.09
C GLU D 123 -1.88 0.31 -27.67
N GLN D 124 -2.51 1.13 -26.82
CA GLN D 124 -2.94 0.72 -25.48
C GLN D 124 -3.91 -0.48 -25.50
N LEU D 125 -4.86 -0.47 -26.44
CA LEU D 125 -5.85 -1.54 -26.53
C LEU D 125 -5.23 -2.93 -26.79
N LYS D 126 -4.19 -2.93 -27.63
CA LYS D 126 -3.33 -4.06 -27.92
C LYS D 126 -2.63 -4.57 -26.61
N SER D 127 -2.35 -3.66 -25.68
CA SER D 127 -1.69 -3.97 -24.41
CA SER D 127 -1.71 -4.01 -24.43
C SER D 127 -2.65 -4.50 -23.36
N GLY D 128 -3.97 -4.47 -23.58
CA GLY D 128 -4.97 -5.06 -22.63
C GLY D 128 -5.91 -4.12 -21.88
N THR D 129 -5.72 -2.82 -22.06
CA THR D 129 -6.53 -1.83 -21.39
CA THR D 129 -6.56 -1.84 -21.40
C THR D 129 -7.04 -0.75 -22.37
N ALA D 130 -8.24 -0.21 -22.11
CA ALA D 130 -8.79 0.90 -22.92
C ALA D 130 -9.09 2.08 -22.00
N SER D 131 -8.47 3.28 -22.29
CA SER D 131 -8.82 4.57 -21.59
C SER D 131 -9.63 5.45 -22.56
N VAL D 132 -10.86 5.84 -22.19
CA VAL D 132 -11.67 6.71 -23.04
C VAL D 132 -11.75 8.03 -22.29
N VAL D 133 -11.53 9.13 -23.01
CA VAL D 133 -11.41 10.44 -22.39
C VAL D 133 -12.48 11.38 -22.94
N CYS D 134 -13.12 12.10 -22.03
CA CYS D 134 -14.09 13.15 -22.38
C CYS D 134 -13.47 14.44 -21.86
N LEU D 135 -13.36 15.44 -22.71
CA LEU D 135 -12.79 16.74 -22.31
C LEU D 135 -13.87 17.85 -22.34
N LEU D 136 -13.94 18.63 -21.27
CA LEU D 136 -14.82 19.79 -21.19
C LEU D 136 -13.91 21.01 -21.11
N ASN D 137 -13.92 21.87 -22.13
CA ASN D 137 -12.96 22.95 -22.17
C ASN D 137 -13.54 24.36 -21.94
N ASN D 138 -12.91 25.10 -21.01
CA ASN D 138 -13.11 26.57 -20.83
C ASN D 138 -14.57 26.92 -20.50
N PHE D 139 -15.04 26.42 -19.38
CA PHE D 139 -16.42 26.67 -18.98
C PHE D 139 -16.48 27.43 -17.64
N TYR D 140 -17.65 27.99 -17.34
CA TYR D 140 -17.87 28.69 -16.08
C TYR D 140 -19.39 28.71 -15.88
N PRO D 141 -19.87 28.41 -14.67
CA PRO D 141 -19.11 28.15 -13.44
C PRO D 141 -18.54 26.72 -13.43
N ARG D 142 -17.91 26.37 -12.32
CA ARG D 142 -17.15 25.10 -12.25
C ARG D 142 -18.04 23.84 -12.19
N GLU D 143 -19.25 23.97 -11.67
CA GLU D 143 -20.10 22.78 -11.54
C GLU D 143 -20.41 22.17 -12.90
N ALA D 144 -20.20 20.85 -13.03
CA ALA D 144 -20.45 20.19 -14.30
C ALA D 144 -20.75 18.74 -13.92
N LYS D 145 -21.63 18.09 -14.66
CA LYS D 145 -21.89 16.67 -14.44
C LYS D 145 -21.47 15.95 -15.71
N VAL D 146 -20.64 14.92 -15.60
CA VAL D 146 -20.23 14.15 -16.76
C VAL D 146 -20.60 12.71 -16.50
N GLN D 147 -21.36 12.10 -17.40
CA GLN D 147 -21.75 10.70 -17.21
C GLN D 147 -21.33 9.88 -18.40
N TRP D 148 -20.85 8.68 -18.12
CA TRP D 148 -20.50 7.74 -19.18
C TRP D 148 -21.67 6.80 -19.43
N LYS D 149 -21.98 6.59 -20.70
CA LYS D 149 -22.97 5.59 -21.06
C LYS D 149 -22.30 4.67 -22.08
N VAL D 150 -22.44 3.36 -21.88
CA VAL D 150 -21.80 2.43 -22.80
C VAL D 150 -22.89 1.55 -23.37
N ASP D 151 -23.09 1.63 -24.68
CA ASP D 151 -24.26 1.06 -25.33
C ASP D 151 -25.51 1.41 -24.53
N ASN D 152 -25.53 2.63 -24.00
CA ASN D 152 -26.68 3.17 -23.24
C ASN D 152 -26.84 2.68 -21.79
N ALA D 153 -25.89 1.89 -21.33
CA ALA D 153 -25.83 1.53 -19.91
C ALA D 153 -25.03 2.63 -19.17
N LEU D 154 -25.64 3.22 -18.15
CA LEU D 154 -24.96 4.23 -17.34
C LEU D 154 -23.82 3.58 -16.58
N GLN D 155 -22.60 4.11 -16.73
CA GLN D 155 -21.44 3.54 -16.06
C GLN D 155 -21.27 4.10 -14.66
N SER D 156 -20.83 3.29 -13.70
CA SER D 156 -20.41 3.89 -12.43
C SER D 156 -19.16 3.23 -11.85
N GLY D 157 -18.30 4.06 -11.25
CA GLY D 157 -17.12 3.58 -10.50
C GLY D 157 -15.88 3.19 -11.31
N ASN D 158 -15.95 3.39 -12.62
CA ASN D 158 -14.84 3.06 -13.51
C ASN D 158 -14.27 4.31 -14.22
N SER D 159 -14.54 5.49 -13.68
CA SER D 159 -13.99 6.72 -14.25
C SER D 159 -13.45 7.63 -13.15
N GLN D 160 -12.57 8.56 -13.53
CA GLN D 160 -11.98 9.55 -12.62
C GLN D 160 -11.94 10.93 -13.27
N GLU D 161 -12.08 11.98 -12.46
CA GLU D 161 -12.16 13.34 -13.02
C GLU D 161 -11.02 14.20 -12.51
N SER D 162 -10.57 15.13 -13.35
CA SER D 162 -9.60 16.13 -12.95
C SER D 162 -10.03 17.50 -13.48
N VAL D 163 -9.99 18.52 -12.62
CA VAL D 163 -10.41 19.90 -12.97
CA VAL D 163 -10.38 19.89 -12.99
C VAL D 163 -9.22 20.85 -12.75
N THR D 164 -9.01 21.78 -13.66
CA THR D 164 -7.98 22.79 -13.49
C THR D 164 -8.42 23.87 -12.49
N GLU D 165 -7.46 24.66 -12.01
CA GLU D 165 -7.80 25.85 -11.26
CA GLU D 165 -7.76 25.87 -11.28
C GLU D 165 -8.22 26.94 -12.25
N GLN D 166 -8.89 27.98 -11.76
CA GLN D 166 -9.41 29.02 -12.62
C GLN D 166 -8.33 29.60 -13.51
N ASP D 167 -8.61 29.76 -14.81
CA ASP D 167 -7.52 30.17 -15.70
C ASP D 167 -7.17 31.62 -15.39
N SER D 168 -5.88 31.97 -15.41
CA SER D 168 -5.48 33.32 -15.02
C SER D 168 -5.82 34.39 -16.09
N LYS D 169 -6.03 33.98 -17.32
CA LYS D 169 -6.45 34.92 -18.35
C LYS D 169 -7.98 35.10 -18.42
N ASP D 170 -8.71 34.00 -18.45
CA ASP D 170 -10.12 34.10 -18.80
C ASP D 170 -11.08 33.64 -17.71
N SER D 171 -10.51 33.18 -16.60
CA SER D 171 -11.28 32.83 -15.40
C SER D 171 -12.22 31.64 -15.59
N THR D 172 -11.93 30.82 -16.59
CA THR D 172 -12.73 29.61 -16.81
C THR D 172 -12.03 28.39 -16.21
N TYR D 173 -12.76 27.27 -16.24
CA TYR D 173 -12.29 25.97 -15.79
C TYR D 173 -12.28 25.00 -17.00
N SER D 174 -11.48 23.95 -16.89
CA SER D 174 -11.52 22.84 -17.84
C SER D 174 -11.47 21.57 -17.04
N LEU D 175 -12.01 20.49 -17.60
CA LEU D 175 -12.17 19.24 -16.81
C LEU D 175 -11.92 18.04 -17.72
N SER D 176 -11.20 17.02 -17.25
CA SER D 176 -11.17 15.77 -18.00
C SER D 176 -11.88 14.70 -17.18
N SER D 177 -12.47 13.72 -17.87
CA SER D 177 -13.05 12.54 -17.24
C SER D 177 -12.59 11.32 -17.99
N THR D 178 -11.94 10.39 -17.29
CA THR D 178 -11.37 9.23 -17.95
C THR D 178 -12.05 7.93 -17.53
N LEU D 179 -12.57 7.21 -18.55
CA LEU D 179 -13.21 5.91 -18.37
C LEU D 179 -12.21 4.78 -18.65
N THR D 180 -11.96 3.87 -17.69
CA THR D 180 -10.92 2.85 -17.90
C THR D 180 -11.48 1.41 -17.89
N LEU D 181 -11.23 0.66 -18.96
CA LEU D 181 -11.77 -0.68 -19.16
C LEU D 181 -10.69 -1.66 -19.62
N SER D 182 -10.82 -2.93 -19.23
CA SER D 182 -10.03 -4.01 -19.84
C SER D 182 -10.41 -4.07 -21.34
N LYS D 183 -9.48 -4.56 -22.15
CA LYS D 183 -9.73 -4.84 -23.56
C LYS D 183 -10.93 -5.79 -23.76
N ALA D 184 -10.98 -6.88 -23.00
CA ALA D 184 -12.10 -7.84 -23.09
C ALA D 184 -13.46 -7.15 -22.93
N ASP D 185 -13.56 -6.32 -21.88
CA ASP D 185 -14.80 -5.59 -21.57
C ASP D 185 -15.05 -4.58 -22.66
N TYR D 186 -14.01 -3.84 -23.03
CA TYR D 186 -14.13 -2.80 -24.06
C TYR D 186 -14.76 -3.36 -25.33
N GLU D 187 -14.21 -4.46 -25.80
CA GLU D 187 -14.53 -4.95 -27.10
C GLU D 187 -15.89 -5.69 -27.18
N LYS D 188 -16.60 -5.78 -26.05
CA LYS D 188 -17.95 -6.33 -26.08
C LYS D 188 -19.06 -5.29 -26.29
N HIS D 189 -18.66 -4.04 -26.51
CA HIS D 189 -19.65 -2.96 -26.79
C HIS D 189 -19.29 -2.12 -28.02
N LYS D 190 -20.28 -1.36 -28.52
CA LYS D 190 -20.10 -0.52 -29.71
C LYS D 190 -20.01 0.93 -29.31
N VAL D 191 -21.08 1.42 -28.68
CA VAL D 191 -21.28 2.86 -28.50
C VAL D 191 -20.75 3.37 -27.17
N TYR D 192 -19.83 4.33 -27.24
CA TYR D 192 -19.29 4.95 -26.04
C TYR D 192 -19.64 6.43 -26.07
N ALA D 193 -20.31 6.91 -25.00
CA ALA D 193 -20.78 8.29 -24.94
C ALA D 193 -20.49 8.92 -23.58
N CYS D 194 -20.13 10.21 -23.60
CA CYS D 194 -20.21 11.00 -22.39
C CYS D 194 -21.19 12.13 -22.58
N GLU D 195 -22.01 12.30 -21.55
CA GLU D 195 -23.08 13.27 -21.57
C GLU D 195 -22.78 14.29 -20.49
N VAL D 196 -22.79 15.55 -20.89
CA VAL D 196 -22.32 16.63 -20.05
C VAL D 196 -23.51 17.53 -19.73
N THR D 197 -23.72 17.79 -18.45
CA THR D 197 -24.71 18.77 -18.03
C THR D 197 -23.97 19.97 -17.41
N HIS D 198 -24.18 21.16 -17.97
CA HIS D 198 -23.53 22.38 -17.48
C HIS D 198 -24.51 23.55 -17.65
N GLN D 199 -24.48 24.51 -16.71
CA GLN D 199 -25.43 25.63 -16.76
C GLN D 199 -25.38 26.51 -17.99
N GLY D 200 -24.26 26.48 -18.72
CA GLY D 200 -24.17 27.28 -19.95
C GLY D 200 -24.78 26.61 -21.16
N LEU D 201 -25.15 25.33 -21.01
CA LEU D 201 -25.75 24.56 -22.11
C LEU D 201 -27.28 24.56 -22.03
N SER D 202 -27.99 24.59 -23.17
CA SER D 202 -29.45 24.62 -23.08
C SER D 202 -30.04 23.30 -22.54
N SER D 203 -29.36 22.20 -22.79
CA SER D 203 -29.69 20.91 -22.19
C SER D 203 -28.46 19.99 -22.29
N PRO D 204 -28.55 18.77 -21.74
CA PRO D 204 -27.35 17.95 -21.70
C PRO D 204 -26.81 17.64 -23.09
N VAL D 205 -25.49 17.71 -23.23
CA VAL D 205 -24.85 17.48 -24.52
C VAL D 205 -24.16 16.11 -24.50
N THR D 206 -24.32 15.33 -25.57
CA THR D 206 -23.62 14.04 -25.67
C THR D 206 -22.59 14.04 -26.81
N LYS D 207 -21.40 13.54 -26.52
CA LYS D 207 -20.43 13.27 -27.58
C LYS D 207 -20.15 11.77 -27.56
N SER D 208 -20.06 11.14 -28.75
CA SER D 208 -19.84 9.71 -28.77
C SER D 208 -19.13 9.21 -30.02
N PHE D 209 -18.65 7.97 -29.94
CA PHE D 209 -18.05 7.25 -31.06
C PHE D 209 -18.52 5.81 -30.99
N ASN D 210 -18.56 5.14 -32.13
CA ASN D 210 -18.79 3.70 -32.20
C ASN D 210 -17.43 2.98 -32.25
N ARG D 211 -17.25 1.97 -31.41
CA ARG D 211 -15.97 1.27 -31.29
C ARG D 211 -15.48 0.78 -32.65
N GLY D 212 -14.46 1.45 -33.19
CA GLY D 212 -13.92 1.12 -34.52
C GLY D 212 -14.90 1.29 -35.67
N GLU D 213 -15.81 2.26 -35.55
CA GLU D 213 -16.92 2.50 -36.50
C GLU D 213 -17.86 1.31 -36.70
#